data_4X7M
#
_entry.id   4X7M
#
_cell.length_a   44.072
_cell.length_b   90.944
_cell.length_c   94.441
_cell.angle_alpha   109.270
_cell.angle_beta   99.030
_cell.angle_gamma   101.530
#
_symmetry.space_group_name_H-M   'P 1'
#
loop_
_entity.id
_entity.type
_entity.pdbx_description
1 polymer TarM
2 non-polymer "URIDINE-5'-DIPHOSPHATE"
3 non-polymer URIDINE-DIPHOSPHATE-N-ACETYLGLUCOSAMINE
4 water water
#
_entity_poly.entity_id   1
_entity_poly.type   'polypeptide(L)'
_entity_poly.pdbx_seq_one_letter_code
;MKKIFMMVHELDVNKGGMTSSMFNRSKEFYDADIPADIVTFDYKGNYDEIIKALKKQGKMDRRTKMYNVFEYFKQISNNK
HFKSNKLLYKHISERLKNTIEIEESKGISRYFDITTRTYIAYIRKSKSEKVIDFFKDNKRIERFSFIDNKVHMKETFNVD
NKVCYQVFYDEKGYPYISRNINANNGAVGKTYVLVNKKEFKNNLALCVYYLEKLIKDSKDSIMICDGPGSFPKMFNTNHK
NAQKYGVIHVNHHENFDDTGAFKKSEKYIIENANKINGVIVLTEAQRLDILNQFDVENIFTISNFVKIHNAPKHFQTEKI
VGHISRMVPTKRIDLLIEVAELVVKKDNAVKFHIYGEGSVKDKIAKMIEDKNLERNVFLKGYTTTPQKCLEDFKLVVSTS
QYEGQGLSMIEAMISKRPVVAFDIKYGPSDFIEDNKNGYLIENHNINDMADKILQLVNNDVLAAEFGSKARENIIEKYST
ESILEKWLNLFNS
;
_entity_poly.pdbx_strand_id   A,B
#
loop_
_chem_comp.id
_chem_comp.type
_chem_comp.name
_chem_comp.formula
UD1 non-polymer URIDINE-DIPHOSPHATE-N-ACETYLGLUCOSAMINE 'C17 H27 N3 O17 P2'
UDP RNA linking URIDINE-5'-DIPHOSPHATE 'C9 H14 N2 O12 P2'
#
# COMPACT_ATOMS: atom_id res chain seq x y z
N MET A 1 1.24 7.43 -49.08
CA MET A 1 0.51 8.70 -49.15
C MET A 1 -0.74 8.73 -48.22
N LYS A 2 -1.15 7.58 -47.69
CA LYS A 2 -2.31 7.54 -46.80
C LYS A 2 -1.93 7.93 -45.38
N LYS A 3 -2.78 8.70 -44.70
CA LYS A 3 -2.52 9.14 -43.32
C LYS A 3 -3.80 9.11 -42.45
N ILE A 4 -3.69 8.61 -41.21
CA ILE A 4 -4.83 8.48 -40.32
C ILE A 4 -4.81 9.39 -39.07
N PHE A 5 -5.96 10.00 -38.81
CA PHE A 5 -6.21 10.89 -37.69
C PHE A 5 -7.34 10.26 -36.86
N MET A 6 -6.98 9.83 -35.64
CA MET A 6 -7.89 9.17 -34.74
C MET A 6 -8.29 10.06 -33.58
N MET A 7 -9.59 10.41 -33.53
CA MET A 7 -10.18 11.32 -32.57
C MET A 7 -10.75 10.72 -31.32
N VAL A 8 -10.40 11.36 -30.22
CA VAL A 8 -10.81 11.08 -28.85
C VAL A 8 -10.64 12.39 -28.08
N HIS A 9 -11.47 12.64 -27.05
CA HIS A 9 -11.38 13.89 -26.32
C HIS A 9 -10.03 14.20 -25.64
N GLU A 10 -9.45 13.17 -25.03
CA GLU A 10 -8.21 13.30 -24.29
C GLU A 10 -7.50 11.99 -24.20
N LEU A 11 -6.20 12.07 -23.84
CA LEU A 11 -5.39 10.90 -23.52
C LEU A 11 -4.88 11.15 -22.09
N ASP A 12 -4.84 10.10 -21.25
CA ASP A 12 -4.32 10.13 -19.88
C ASP A 12 -3.77 8.74 -19.53
N VAL A 13 -2.87 8.66 -18.55
CA VAL A 13 -2.21 7.40 -18.16
C VAL A 13 -3.12 6.37 -17.51
N ASN A 14 -4.18 6.84 -16.87
CA ASN A 14 -5.17 6.00 -16.19
C ASN A 14 -6.16 5.31 -17.15
N LYS A 15 -6.64 6.03 -18.18
CA LYS A 15 -7.63 5.59 -19.18
C LYS A 15 -7.33 4.20 -19.79
N GLY A 16 -8.38 3.54 -20.31
CA GLY A 16 -8.29 2.21 -20.89
C GLY A 16 -9.51 1.72 -21.65
N GLY A 17 -9.30 0.72 -22.50
CA GLY A 17 -10.37 0.14 -23.31
C GLY A 17 -10.46 0.75 -24.69
N MET A 18 -10.98 2.01 -24.77
CA MET A 18 -11.10 2.74 -26.05
C MET A 18 -9.72 3.23 -26.47
N THR A 19 -8.91 3.82 -25.52
CA THR A 19 -7.54 4.30 -25.77
C THR A 19 -6.64 3.15 -26.15
N SER A 20 -6.70 2.04 -25.40
CA SER A 20 -5.92 0.83 -25.66
C SER A 20 -6.21 0.27 -27.05
N SER A 21 -7.50 0.37 -27.49
CA SER A 21 -7.93 -0.03 -28.83
C SER A 21 -7.26 0.86 -29.88
N MET A 22 -7.40 2.18 -29.74
CA MET A 22 -6.74 3.20 -30.55
C MET A 22 -5.22 3.03 -30.60
N PHE A 23 -4.56 2.81 -29.44
CA PHE A 23 -3.12 2.57 -29.32
C PHE A 23 -2.66 1.39 -30.18
N ASN A 24 -3.36 0.24 -30.12
CA ASN A 24 -3.04 -0.96 -30.92
C ASN A 24 -3.38 -0.78 -32.40
N ARG A 25 -4.52 -0.12 -32.73
CA ARG A 25 -4.95 0.14 -34.11
C ARG A 25 -3.86 0.97 -34.78
N SER A 26 -3.32 1.97 -34.05
CA SER A 26 -2.22 2.82 -34.50
C SER A 26 -0.97 2.00 -34.83
N LYS A 27 -0.56 1.12 -33.89
CA LYS A 27 0.59 0.20 -34.01
C LYS A 27 0.47 -0.65 -35.27
N GLU A 28 -0.72 -1.22 -35.50
CA GLU A 28 -1.06 -2.07 -36.63
C GLU A 28 -1.10 -1.29 -37.94
N PHE A 29 -1.69 -0.08 -37.92
CA PHE A 29 -1.75 0.76 -39.11
C PHE A 29 -0.34 1.24 -39.50
N TYR A 30 0.52 1.54 -38.49
CA TYR A 30 1.91 1.97 -38.70
C TYR A 30 2.73 0.80 -39.25
N ASP A 31 2.40 -0.45 -38.83
CA ASP A 31 3.07 -1.66 -39.30
C ASP A 31 2.74 -1.94 -40.79
N ALA A 32 1.53 -1.52 -41.23
CA ALA A 32 1.02 -1.62 -42.60
C ALA A 32 1.37 -0.36 -43.41
N ASP A 33 2.29 0.49 -42.88
CA ASP A 33 2.78 1.73 -43.49
C ASP A 33 1.72 2.82 -43.76
N ILE A 34 0.78 2.97 -42.82
CA ILE A 34 -0.24 4.02 -42.84
C ILE A 34 -0.17 4.71 -41.49
N PRO A 35 0.54 5.85 -41.37
CA PRO A 35 0.61 6.52 -40.06
C PRO A 35 -0.78 6.77 -39.49
N ALA A 36 -0.98 6.40 -38.22
CA ALA A 36 -2.26 6.57 -37.53
C ALA A 36 -2.01 7.22 -36.17
N ASP A 37 -2.20 8.54 -36.13
CA ASP A 37 -1.94 9.33 -34.93
C ASP A 37 -3.22 9.71 -34.23
N ILE A 38 -3.11 10.14 -32.97
CA ILE A 38 -4.27 10.51 -32.17
C ILE A 38 -4.44 12.03 -32.03
N VAL A 39 -5.69 12.51 -32.19
CA VAL A 39 -6.04 13.92 -32.06
C VAL A 39 -6.89 14.10 -30.81
N THR A 40 -6.37 14.90 -29.85
CA THR A 40 -7.07 15.22 -28.61
C THR A 40 -7.50 16.68 -28.66
N PHE A 41 -8.51 17.05 -27.85
CA PHE A 41 -9.12 18.39 -27.85
C PHE A 41 -9.18 19.12 -26.51
N ASP A 42 -8.67 18.50 -25.46
CA ASP A 42 -8.69 19.08 -24.13
C ASP A 42 -7.37 19.83 -23.84
N TYR A 43 -7.33 20.56 -22.72
CA TYR A 43 -6.13 21.26 -22.28
C TYR A 43 -5.53 20.55 -21.10
N LYS A 44 -4.22 20.38 -21.15
CA LYS A 44 -3.40 19.83 -20.07
C LYS A 44 -2.08 20.56 -20.16
N GLY A 45 -1.65 21.17 -19.05
CA GLY A 45 -0.36 21.86 -18.97
C GLY A 45 0.81 20.87 -19.01
N ASN A 46 0.59 19.58 -18.65
CA ASN A 46 1.61 18.52 -18.59
C ASN A 46 1.46 17.40 -19.64
N TYR A 47 1.02 17.74 -20.85
CA TYR A 47 0.82 16.74 -21.91
C TYR A 47 2.05 15.99 -22.38
N ASP A 48 3.21 16.67 -22.37
CA ASP A 48 4.51 16.11 -22.74
C ASP A 48 4.90 14.95 -21.80
N GLU A 49 4.71 15.18 -20.48
CA GLU A 49 4.98 14.20 -19.42
C GLU A 49 4.05 12.97 -19.57
N ILE A 50 2.74 13.20 -19.84
CA ILE A 50 1.74 12.15 -20.03
C ILE A 50 2.08 11.22 -21.22
N ILE A 51 2.36 11.82 -22.40
CA ILE A 51 2.72 11.08 -23.62
C ILE A 51 4.02 10.30 -23.44
N LYS A 52 5.02 10.88 -22.76
CA LYS A 52 6.29 10.19 -22.48
C LYS A 52 6.04 8.98 -21.58
N ALA A 53 5.16 9.13 -20.58
CA ALA A 53 4.79 8.06 -19.65
C ALA A 53 4.04 6.91 -20.34
N LEU A 54 3.06 7.22 -21.23
CA LEU A 54 2.28 6.20 -21.97
C LEU A 54 3.12 5.34 -22.87
N LYS A 55 4.19 5.94 -23.42
CA LYS A 55 5.17 5.33 -24.31
C LYS A 55 6.15 4.44 -23.56
N LYS A 56 6.69 4.93 -22.41
CA LYS A 56 7.59 4.19 -21.51
C LYS A 56 6.90 2.91 -20.98
N GLN A 57 5.56 3.03 -20.71
CA GLN A 57 4.64 1.98 -20.25
C GLN A 57 4.56 0.86 -21.27
N GLY A 58 4.71 1.24 -22.55
CA GLY A 58 4.59 0.36 -23.70
C GLY A 58 3.16 0.35 -24.19
N LYS A 59 2.29 1.17 -23.55
CA LYS A 59 0.87 1.31 -23.87
C LYS A 59 0.69 2.00 -25.22
N MET A 60 1.37 3.14 -25.41
CA MET A 60 1.33 3.93 -26.63
C MET A 60 2.60 3.66 -27.44
N ASP A 61 2.42 3.22 -28.71
CA ASP A 61 3.51 2.93 -29.64
C ASP A 61 4.36 4.19 -29.80
N ARG A 62 5.70 4.06 -29.95
CA ARG A 62 6.61 5.21 -30.06
C ARG A 62 6.33 6.05 -31.29
N ARG A 63 5.92 5.38 -32.38
CA ARG A 63 5.60 5.99 -33.66
C ARG A 63 4.36 6.88 -33.59
N THR A 64 3.40 6.51 -32.71
CA THR A 64 2.13 7.21 -32.52
C THR A 64 2.29 8.63 -32.00
N LYS A 65 1.76 9.59 -32.77
CA LYS A 65 1.79 10.99 -32.34
C LYS A 65 0.45 11.38 -31.73
N MET A 66 0.47 12.45 -30.96
CA MET A 66 -0.74 13.03 -30.42
C MET A 66 -0.73 14.47 -30.81
N TYR A 67 -1.75 14.86 -31.55
CA TYR A 67 -1.96 16.22 -31.96
C TYR A 67 -2.99 16.74 -30.99
N ASN A 68 -2.75 17.91 -30.44
CA ASN A 68 -3.71 18.49 -29.54
C ASN A 68 -4.00 19.88 -30.04
N VAL A 69 -5.28 20.30 -29.97
CA VAL A 69 -5.79 21.59 -30.39
C VAL A 69 -4.97 22.73 -29.76
N PHE A 70 -4.74 22.66 -28.41
CA PHE A 70 -3.93 23.62 -27.65
C PHE A 70 -2.43 23.54 -28.01
N GLU A 71 -1.79 22.35 -27.89
CA GLU A 71 -0.39 22.06 -28.23
C GLU A 71 0.05 22.59 -29.59
N TYR A 72 -0.84 22.47 -30.61
CA TYR A 72 -0.61 22.99 -31.96
C TYR A 72 -0.41 24.51 -31.95
N PHE A 73 -1.40 25.27 -31.39
CA PHE A 73 -1.30 26.72 -31.34
C PHE A 73 -0.25 27.18 -30.34
N LYS A 74 0.14 26.28 -29.40
CA LYS A 74 1.20 26.53 -28.39
C LYS A 74 2.58 26.61 -29.10
N GLN A 75 2.90 25.61 -29.98
CA GLN A 75 4.15 25.56 -30.74
C GLN A 75 4.28 26.66 -31.78
N ILE A 76 3.13 27.18 -32.28
CA ILE A 76 3.11 28.30 -33.23
C ILE A 76 3.56 29.58 -32.50
N SER A 77 3.14 29.75 -31.22
CA SER A 77 3.51 30.89 -30.36
C SER A 77 4.99 30.79 -29.96
N ASN A 78 5.48 29.56 -29.65
CA ASN A 78 6.87 29.26 -29.26
C ASN A 78 7.86 29.72 -30.32
N ASN A 79 7.56 29.45 -31.60
CA ASN A 79 8.39 29.87 -32.73
C ASN A 79 8.26 31.38 -32.96
N LYS A 80 7.06 31.94 -32.68
CA LYS A 80 6.72 33.36 -32.85
C LYS A 80 7.54 34.27 -31.94
N HIS A 81 8.02 33.74 -30.80
CA HIS A 81 8.80 34.52 -29.84
C HIS A 81 10.18 33.91 -29.57
N PHE A 82 11.13 34.79 -29.24
CA PHE A 82 12.52 34.50 -28.90
C PHE A 82 12.80 34.95 -27.46
N LYS A 83 12.21 36.09 -27.04
CA LYS A 83 12.33 36.67 -25.71
C LYS A 83 11.09 36.34 -24.86
N SER A 84 11.29 36.09 -23.55
CA SER A 84 10.25 35.81 -22.55
C SER A 84 9.40 37.02 -22.26
N ASN A 85 8.11 36.82 -21.92
CA ASN A 85 7.19 37.90 -21.57
C ASN A 85 7.39 38.31 -20.11
N LYS A 86 8.55 38.95 -19.84
CA LYS A 86 8.99 39.45 -18.54
C LYS A 86 7.99 40.42 -17.91
N LEU A 87 7.15 41.07 -18.74
CA LEU A 87 6.13 42.04 -18.31
C LEU A 87 5.01 41.41 -17.49
N LEU A 88 4.70 40.13 -17.73
CA LEU A 88 3.66 39.42 -16.97
C LEU A 88 4.23 39.07 -15.60
N TYR A 89 5.47 38.51 -15.55
CA TYR A 89 6.17 38.16 -14.30
C TYR A 89 6.39 39.37 -13.39
N LYS A 90 6.80 40.53 -13.96
CA LYS A 90 7.00 41.79 -13.25
C LYS A 90 5.67 42.26 -12.67
N HIS A 91 4.57 42.15 -13.44
CA HIS A 91 3.22 42.52 -12.99
C HIS A 91 2.83 41.67 -11.76
N ILE A 92 3.21 40.37 -11.73
CA ILE A 92 2.96 39.46 -10.61
C ILE A 92 3.84 39.84 -9.39
N SER A 93 5.14 40.15 -9.59
CA SER A 93 6.09 40.59 -8.55
C SER A 93 5.63 41.90 -7.89
N GLU A 94 5.04 42.81 -8.71
CA GLU A 94 4.54 44.09 -8.25
C GLU A 94 3.28 43.93 -7.40
N ARG A 95 2.50 42.86 -7.64
CA ARG A 95 1.28 42.59 -6.85
C ARG A 95 1.67 42.20 -5.41
N LEU A 96 2.75 41.41 -5.27
CA LEU A 96 3.31 40.90 -4.01
C LEU A 96 4.51 41.74 -3.55
N LYS A 97 4.46 43.07 -3.78
CA LYS A 97 5.52 44.01 -3.45
C LYS A 97 5.61 44.34 -1.95
N ASN A 98 4.54 44.91 -1.37
CA ASN A 98 4.52 45.30 0.05
C ASN A 98 3.85 44.21 0.91
N THR A 99 4.22 42.94 0.67
CA THR A 99 3.66 41.81 1.40
C THR A 99 4.58 41.31 2.51
N ILE A 100 4.04 40.40 3.32
CA ILE A 100 4.70 39.68 4.42
C ILE A 100 4.20 38.24 4.33
N GLU A 101 5.14 37.28 4.32
CA GLU A 101 4.82 35.85 4.18
C GLU A 101 4.48 35.16 5.49
N ILE A 102 3.32 34.45 5.51
CA ILE A 102 2.82 33.65 6.64
C ILE A 102 2.54 32.26 6.08
N GLU A 103 3.37 31.28 6.44
CA GLU A 103 3.27 29.91 5.95
C GLU A 103 2.19 29.07 6.65
N GLU A 104 1.94 27.87 6.10
CA GLU A 104 1.02 26.86 6.62
C GLU A 104 1.77 25.51 6.52
N SER A 105 2.59 25.36 5.46
CA SER A 105 3.43 24.20 5.15
C SER A 105 4.77 24.70 4.55
N LYS A 106 5.44 23.83 3.75
CA LYS A 106 6.71 24.14 3.06
C LYS A 106 6.39 25.14 1.93
N GLY A 107 5.54 24.70 1.00
CA GLY A 107 5.10 25.47 -0.17
C GLY A 107 3.97 26.44 0.11
N ILE A 108 2.95 25.98 0.87
CA ILE A 108 1.75 26.76 1.26
C ILE A 108 2.12 28.02 2.06
N SER A 109 1.65 29.19 1.59
CA SER A 109 1.90 30.51 2.19
C SER A 109 0.81 31.53 1.80
N ARG A 110 0.56 32.50 2.71
CA ARG A 110 -0.42 33.57 2.55
C ARG A 110 0.29 34.91 2.62
N TYR A 111 -0.11 35.86 1.76
CA TYR A 111 0.54 37.17 1.69
C TYR A 111 -0.43 38.31 1.96
N PHE A 112 -0.04 39.20 2.87
CA PHE A 112 -0.86 40.33 3.29
C PHE A 112 -0.10 41.62 3.11
N ASP A 113 -0.79 42.69 2.66
CA ASP A 113 -0.18 44.00 2.49
C ASP A 113 -0.01 44.66 3.87
N ILE A 114 1.25 44.76 4.36
CA ILE A 114 1.65 45.28 5.68
C ILE A 114 1.15 46.72 6.04
N THR A 115 0.70 47.50 5.04
CA THR A 115 0.14 48.84 5.25
C THR A 115 -1.42 48.89 5.30
N THR A 116 -2.10 47.76 4.97
CA THR A 116 -3.57 47.66 4.99
C THR A 116 -4.12 46.40 5.71
N ARG A 117 -3.33 45.33 5.73
CA ARG A 117 -3.67 44.06 6.36
C ARG A 117 -4.55 43.16 5.51
N THR A 118 -4.87 43.62 4.29
CA THR A 118 -5.75 42.92 3.35
C THR A 118 -5.11 41.61 2.88
N TYR A 119 -5.93 40.58 2.69
CA TYR A 119 -5.50 39.29 2.18
C TYR A 119 -5.37 39.48 0.68
N ILE A 120 -4.15 39.32 0.16
CA ILE A 120 -3.86 39.57 -1.26
C ILE A 120 -3.64 38.29 -2.06
N ALA A 121 -2.74 37.39 -1.59
CA ALA A 121 -2.45 36.17 -2.32
C ALA A 121 -2.19 34.92 -1.48
N TYR A 122 -2.60 33.77 -2.04
CA TYR A 122 -2.41 32.44 -1.52
C TYR A 122 -1.53 31.70 -2.54
N ILE A 123 -0.36 31.22 -2.09
CA ILE A 123 0.57 30.49 -2.96
C ILE A 123 0.84 29.09 -2.40
N ARG A 124 0.58 28.05 -3.22
CA ARG A 124 0.80 26.64 -2.88
C ARG A 124 1.81 26.08 -3.88
N LYS A 125 3.00 25.66 -3.40
CA LYS A 125 4.08 25.07 -4.20
C LYS A 125 4.20 23.56 -3.93
N SER A 126 4.43 22.76 -5.00
CA SER A 126 4.55 21.29 -4.96
C SER A 126 5.56 20.80 -6.02
N LYS A 127 6.87 20.84 -5.67
CA LYS A 127 8.05 20.44 -6.48
C LYS A 127 8.20 21.08 -7.88
N SER A 128 7.25 20.83 -8.80
CA SER A 128 7.21 21.37 -10.17
C SER A 128 6.04 22.35 -10.32
N GLU A 129 4.92 22.10 -9.63
CA GLU A 129 3.67 22.87 -9.67
C GLU A 129 3.60 24.01 -8.67
N LYS A 130 3.05 25.15 -9.09
CA LYS A 130 2.83 26.33 -8.27
C LYS A 130 1.56 27.02 -8.72
N VAL A 131 0.73 27.39 -7.76
CA VAL A 131 -0.54 28.06 -7.99
C VAL A 131 -0.58 29.32 -7.14
N ILE A 132 -0.88 30.45 -7.79
CA ILE A 132 -0.94 31.75 -7.14
C ILE A 132 -2.36 32.27 -7.27
N ASP A 133 -3.07 32.38 -6.15
CA ASP A 133 -4.45 32.87 -6.09
C ASP A 133 -4.45 34.29 -5.60
N PHE A 134 -5.03 35.19 -6.39
CA PHE A 134 -5.12 36.61 -6.03
C PHE A 134 -6.53 36.97 -5.59
N PHE A 135 -6.61 37.81 -4.55
CA PHE A 135 -7.86 38.21 -3.92
C PHE A 135 -8.10 39.72 -3.99
N LYS A 136 -9.38 40.12 -4.03
CA LYS A 136 -9.83 41.52 -3.98
C LYS A 136 -10.99 41.59 -3.02
N ASP A 137 -10.84 42.43 -1.96
CA ASP A 137 -11.80 42.64 -0.88
C ASP A 137 -12.15 41.29 -0.23
N ASN A 138 -11.11 40.48 0.05
CA ASN A 138 -11.13 39.13 0.66
C ASN A 138 -11.78 38.01 -0.18
N LYS A 139 -11.89 38.21 -1.52
CA LYS A 139 -12.44 37.22 -2.44
C LYS A 139 -11.58 36.97 -3.68
N ARG A 140 -11.28 35.67 -3.94
CA ARG A 140 -10.44 35.17 -5.03
C ARG A 140 -10.96 35.58 -6.41
N ILE A 141 -10.17 36.39 -7.13
CA ILE A 141 -10.50 36.89 -8.46
C ILE A 141 -9.69 36.23 -9.59
N GLU A 142 -8.42 35.87 -9.31
CA GLU A 142 -7.52 35.28 -10.31
C GLU A 142 -6.71 34.08 -9.80
N ARG A 143 -6.12 33.31 -10.74
CA ARG A 143 -5.22 32.20 -10.43
C ARG A 143 -4.22 31.97 -11.55
N PHE A 144 -2.94 32.04 -11.21
CA PHE A 144 -1.85 31.77 -12.13
C PHE A 144 -1.27 30.42 -11.82
N SER A 145 -1.29 29.51 -12.79
CA SER A 145 -0.77 28.13 -12.68
C SER A 145 0.61 28.04 -13.33
N PHE A 146 1.57 27.43 -12.62
CA PHE A 146 2.95 27.30 -13.08
C PHE A 146 3.44 25.86 -13.06
N ILE A 147 4.34 25.53 -14.01
CA ILE A 147 5.08 24.28 -14.11
C ILE A 147 6.54 24.71 -14.38
N ASP A 148 7.43 24.36 -13.45
CA ASP A 148 8.87 24.70 -13.47
C ASP A 148 9.15 26.20 -13.41
N ASN A 149 8.26 26.92 -12.68
CA ASN A 149 8.25 28.38 -12.45
C ASN A 149 7.78 29.19 -13.66
N LYS A 150 7.31 28.51 -14.71
CA LYS A 150 6.78 29.15 -15.90
C LYS A 150 5.26 29.10 -15.86
N VAL A 151 4.62 30.25 -16.08
CA VAL A 151 3.17 30.39 -16.12
C VAL A 151 2.66 29.76 -17.42
N HIS A 152 1.61 28.94 -17.32
CA HIS A 152 0.98 28.23 -18.44
C HIS A 152 -0.53 28.53 -18.52
N MET A 153 -1.16 28.87 -17.38
CA MET A 153 -2.58 29.17 -17.32
C MET A 153 -2.91 30.26 -16.31
N LYS A 154 -3.88 31.11 -16.68
CA LYS A 154 -4.49 32.13 -15.82
C LYS A 154 -5.98 31.86 -15.88
N GLU A 155 -6.60 31.77 -14.69
CA GLU A 155 -8.03 31.58 -14.52
C GLU A 155 -8.63 32.75 -13.80
N THR A 156 -9.76 33.24 -14.30
CA THR A 156 -10.52 34.35 -13.70
C THR A 156 -11.73 33.74 -13.01
N PHE A 157 -11.98 34.17 -11.76
CA PHE A 157 -13.08 33.69 -10.91
C PHE A 157 -14.16 34.75 -10.77
N ASN A 158 -15.38 34.33 -10.36
CA ASN A 158 -16.52 35.23 -10.14
C ASN A 158 -16.77 35.42 -8.64
N VAL A 159 -17.92 36.02 -8.27
CA VAL A 159 -18.32 36.24 -6.88
C VAL A 159 -18.59 34.93 -6.12
N ASP A 160 -19.09 33.89 -6.84
CA ASP A 160 -19.39 32.55 -6.28
C ASP A 160 -18.16 31.62 -6.28
N ASN A 161 -16.98 32.15 -6.67
CA ASN A 161 -15.68 31.47 -6.72
C ASN A 161 -15.55 30.32 -7.73
N LYS A 162 -16.24 30.45 -8.86
CA LYS A 162 -16.17 29.48 -9.96
C LYS A 162 -15.39 30.15 -11.10
N VAL A 163 -14.65 29.36 -11.91
CA VAL A 163 -13.87 29.86 -13.05
C VAL A 163 -14.84 30.39 -14.12
N CYS A 164 -14.62 31.63 -14.57
CA CYS A 164 -15.45 32.24 -15.58
C CYS A 164 -14.66 32.58 -16.86
N TYR A 165 -13.31 32.47 -16.79
CA TYR A 165 -12.44 32.82 -17.93
C TYR A 165 -11.04 32.18 -17.78
N GLN A 166 -10.47 31.69 -18.89
CA GLN A 166 -9.14 31.05 -18.90
C GLN A 166 -8.28 31.61 -20.00
N VAL A 167 -6.97 31.65 -19.74
CA VAL A 167 -5.96 32.12 -20.67
C VAL A 167 -4.86 31.08 -20.66
N PHE A 168 -4.37 30.71 -21.86
CA PHE A 168 -3.28 29.75 -22.05
C PHE A 168 -2.04 30.46 -22.62
N TYR A 169 -0.93 30.33 -21.91
CA TYR A 169 0.37 30.98 -22.17
C TYR A 169 1.34 29.96 -22.70
N ASP A 170 2.21 30.38 -23.64
CA ASP A 170 3.22 29.48 -24.21
C ASP A 170 4.44 29.29 -23.27
N GLU A 171 5.47 28.51 -23.68
CA GLU A 171 6.67 28.24 -22.86
C GLU A 171 7.49 29.48 -22.44
N LYS A 172 7.30 30.62 -23.14
CA LYS A 172 7.98 31.88 -22.90
C LYS A 172 7.12 32.89 -22.10
N GLY A 173 5.86 32.54 -21.85
CA GLY A 173 4.90 33.33 -21.09
C GLY A 173 3.93 34.19 -21.89
N TYR A 174 3.69 33.87 -23.17
CA TYR A 174 2.80 34.64 -24.04
C TYR A 174 1.42 34.06 -24.25
N PRO A 175 0.33 34.82 -23.96
CA PRO A 175 -1.03 34.27 -24.15
C PRO A 175 -1.32 33.97 -25.61
N TYR A 176 -1.60 32.69 -25.93
CA TYR A 176 -1.90 32.26 -27.28
C TYR A 176 -3.41 32.02 -27.49
N ILE A 177 -4.12 31.58 -26.43
CA ILE A 177 -5.56 31.34 -26.44
C ILE A 177 -6.18 31.93 -25.16
N SER A 178 -7.40 32.45 -25.26
CA SER A 178 -8.22 32.92 -24.14
C SER A 178 -9.67 32.49 -24.37
N ARG A 179 -10.46 32.27 -23.28
CA ARG A 179 -11.83 31.79 -23.41
C ARG A 179 -12.71 32.03 -22.19
N ASN A 180 -14.04 32.11 -22.42
CA ASN A 180 -15.09 32.26 -21.42
C ASN A 180 -15.62 30.92 -20.99
N ILE A 181 -15.88 30.79 -19.68
CA ILE A 181 -16.40 29.56 -19.09
C ILE A 181 -17.74 29.89 -18.41
N ASN A 182 -18.80 29.12 -18.71
CA ASN A 182 -20.09 29.34 -18.07
C ASN A 182 -19.97 28.75 -16.68
N ALA A 183 -19.92 29.63 -15.67
CA ALA A 183 -19.76 29.35 -14.24
C ALA A 183 -20.49 28.09 -13.75
N ASN A 184 -21.82 28.07 -13.94
CA ASN A 184 -22.74 27.02 -13.50
C ASN A 184 -22.38 25.58 -13.94
N ASN A 185 -22.19 25.34 -15.26
CA ASN A 185 -21.87 23.99 -15.79
C ASN A 185 -20.38 23.74 -16.08
N GLY A 186 -19.65 24.79 -16.43
CA GLY A 186 -18.23 24.73 -16.78
C GLY A 186 -18.01 24.62 -18.28
N ALA A 187 -19.06 24.95 -19.08
CA ALA A 187 -19.05 24.89 -20.54
C ALA A 187 -18.15 25.97 -21.16
N VAL A 188 -17.42 25.61 -22.23
CA VAL A 188 -16.51 26.52 -22.93
C VAL A 188 -17.33 27.42 -23.87
N GLY A 189 -17.31 28.70 -23.56
CA GLY A 189 -18.01 29.71 -24.34
C GLY A 189 -17.11 30.31 -25.40
N LYS A 190 -17.21 31.65 -25.60
CA LYS A 190 -16.45 32.45 -26.57
C LYS A 190 -14.95 32.22 -26.46
N THR A 191 -14.29 31.91 -27.60
CA THR A 191 -12.86 31.56 -27.66
C THR A 191 -12.07 32.53 -28.53
N TYR A 192 -10.79 32.76 -28.18
CA TYR A 192 -9.93 33.69 -28.92
C TYR A 192 -8.52 33.11 -29.16
N VAL A 193 -8.18 32.78 -30.43
CA VAL A 193 -6.83 32.33 -30.76
C VAL A 193 -6.04 33.60 -31.07
N LEU A 194 -5.15 33.93 -30.16
CA LEU A 194 -4.37 35.16 -30.26
C LEU A 194 -3.21 34.97 -31.20
N VAL A 195 -2.65 33.74 -31.28
CA VAL A 195 -1.52 33.48 -32.17
C VAL A 195 -1.85 33.65 -33.66
N ASN A 196 -3.10 33.35 -34.07
CA ASN A 196 -3.59 33.48 -35.46
C ASN A 196 -4.49 34.75 -35.72
N LYS A 197 -4.92 35.44 -34.61
CA LYS A 197 -5.85 36.61 -34.54
C LYS A 197 -7.37 36.23 -34.64
N LYS A 198 -7.72 34.94 -34.98
CA LYS A 198 -9.08 34.39 -35.15
C LYS A 198 -9.95 34.27 -33.88
N GLU A 199 -11.30 34.17 -34.04
CA GLU A 199 -12.28 34.06 -32.94
C GLU A 199 -13.37 33.09 -33.27
N PHE A 200 -13.74 32.24 -32.28
CA PHE A 200 -14.78 31.21 -32.42
C PHE A 200 -15.83 31.28 -31.31
N LYS A 201 -17.07 30.78 -31.62
CA LYS A 201 -18.25 30.75 -30.75
C LYS A 201 -18.05 29.94 -29.46
N ASN A 202 -17.48 28.71 -29.59
CA ASN A 202 -17.21 27.72 -28.52
C ASN A 202 -16.09 26.75 -28.92
N ASN A 203 -15.84 25.69 -28.08
CA ASN A 203 -14.78 24.71 -28.31
C ASN A 203 -14.99 23.92 -29.58
N LEU A 204 -16.27 23.63 -29.90
CA LEU A 204 -16.69 22.91 -31.11
C LEU A 204 -16.17 23.59 -32.37
N ALA A 205 -16.47 24.89 -32.49
CA ALA A 205 -16.08 25.77 -33.60
C ALA A 205 -14.57 25.85 -33.75
N LEU A 206 -13.83 25.93 -32.60
CA LEU A 206 -12.36 25.97 -32.60
C LEU A 206 -11.80 24.67 -33.15
N CYS A 207 -12.24 23.54 -32.58
CA CYS A 207 -11.77 22.22 -32.96
C CYS A 207 -12.09 21.88 -34.41
N VAL A 208 -13.25 22.38 -34.93
CA VAL A 208 -13.65 22.22 -36.34
C VAL A 208 -12.62 22.92 -37.26
N TYR A 209 -12.27 24.20 -36.95
CA TYR A 209 -11.28 24.98 -37.67
C TYR A 209 -9.92 24.31 -37.56
N TYR A 210 -9.55 23.85 -36.36
CA TYR A 210 -8.28 23.18 -36.10
C TYR A 210 -8.12 21.92 -36.95
N LEU A 211 -9.19 21.10 -37.07
CA LEU A 211 -9.14 19.88 -37.89
C LEU A 211 -9.01 20.22 -39.37
N GLU A 212 -9.70 21.29 -39.81
CA GLU A 212 -9.65 21.83 -41.18
C GLU A 212 -8.24 22.39 -41.49
N LYS A 213 -7.49 22.80 -40.45
CA LYS A 213 -6.11 23.30 -40.53
C LYS A 213 -5.05 22.19 -40.42
N LEU A 214 -5.28 21.19 -39.54
CA LEU A 214 -4.37 20.07 -39.30
C LEU A 214 -4.39 19.05 -40.42
N ILE A 215 -5.60 18.73 -40.89
CA ILE A 215 -5.81 17.72 -41.92
C ILE A 215 -6.03 18.30 -43.31
N LYS A 216 -5.14 17.91 -44.24
CA LYS A 216 -5.18 18.27 -45.66
C LYS A 216 -6.43 17.61 -46.27
N ASP A 217 -7.19 18.36 -47.10
CA ASP A 217 -8.42 17.83 -47.70
C ASP A 217 -8.14 17.01 -48.95
N SER A 218 -7.73 15.75 -48.75
CA SER A 218 -7.44 14.79 -49.82
C SER A 218 -7.99 13.43 -49.44
N LYS A 219 -8.26 12.59 -50.44
CA LYS A 219 -8.82 11.23 -50.30
C LYS A 219 -7.97 10.33 -49.40
N ASP A 220 -6.66 10.62 -49.27
CA ASP A 220 -5.68 9.85 -48.49
C ASP A 220 -5.60 10.25 -47.01
N SER A 221 -6.28 11.34 -46.66
CA SER A 221 -6.40 11.84 -45.30
C SER A 221 -7.66 11.16 -44.75
N ILE A 222 -7.49 10.33 -43.71
CA ILE A 222 -8.59 9.58 -43.09
C ILE A 222 -8.79 10.04 -41.67
N MET A 223 -10.04 10.38 -41.36
CA MET A 223 -10.46 10.76 -40.02
C MET A 223 -11.30 9.62 -39.44
N ILE A 224 -10.81 9.00 -38.34
CA ILE A 224 -11.50 7.96 -37.60
C ILE A 224 -11.85 8.55 -36.23
N CYS A 225 -13.14 8.65 -35.90
CA CYS A 225 -13.58 9.18 -34.62
C CYS A 225 -14.06 8.06 -33.67
N ASP A 226 -13.28 7.84 -32.60
CA ASP A 226 -13.50 6.86 -31.54
C ASP A 226 -14.28 7.46 -30.37
N GLY A 227 -13.92 8.69 -29.95
CA GLY A 227 -14.60 9.40 -28.87
C GLY A 227 -15.98 9.82 -29.30
N PRO A 228 -17.08 9.23 -28.73
CA PRO A 228 -18.43 9.57 -29.23
C PRO A 228 -18.84 11.04 -29.08
N GLY A 229 -18.37 11.68 -28.01
CA GLY A 229 -18.68 13.06 -27.68
C GLY A 229 -17.98 14.05 -28.58
N SER A 230 -16.88 13.60 -29.21
CA SER A 230 -16.07 14.42 -30.11
C SER A 230 -16.31 14.11 -31.59
N PHE A 231 -17.44 13.42 -31.87
CA PHE A 231 -17.89 13.09 -33.23
C PHE A 231 -18.34 14.37 -33.95
N PRO A 232 -19.10 15.32 -33.31
CA PRO A 232 -19.45 16.60 -34.00
C PRO A 232 -18.25 17.40 -34.50
N LYS A 233 -17.07 17.29 -33.84
CA LYS A 233 -15.83 17.96 -34.27
C LYS A 233 -15.38 17.42 -35.63
N MET A 234 -15.53 16.10 -35.86
CA MET A 234 -15.15 15.51 -37.13
C MET A 234 -16.25 15.77 -38.17
N PHE A 235 -17.51 15.49 -37.76
CA PHE A 235 -18.71 15.63 -38.58
C PHE A 235 -18.86 17.02 -39.21
N ASN A 236 -18.79 18.07 -38.39
CA ASN A 236 -18.97 19.46 -38.83
C ASN A 236 -17.86 20.09 -39.74
N THR A 237 -16.65 19.46 -39.90
CA THR A 237 -15.60 20.04 -40.78
C THR A 237 -16.03 20.19 -42.24
N ASN A 238 -15.41 21.16 -42.94
CA ASN A 238 -15.66 21.50 -44.35
C ASN A 238 -15.08 20.49 -45.35
N HIS A 239 -14.17 19.59 -44.89
CA HIS A 239 -13.53 18.56 -45.72
C HIS A 239 -14.54 17.98 -46.67
N LYS A 240 -14.18 17.94 -47.95
CA LYS A 240 -15.02 17.42 -49.04
C LYS A 240 -14.42 16.20 -49.71
N ASN A 241 -13.11 15.97 -49.51
CA ASN A 241 -12.36 14.84 -50.06
C ASN A 241 -11.92 13.87 -48.97
N ALA A 242 -11.42 14.42 -47.83
CA ALA A 242 -10.99 13.63 -46.66
C ALA A 242 -12.09 12.70 -46.10
N GLN A 243 -11.69 11.47 -45.77
CA GLN A 243 -12.55 10.41 -45.26
C GLN A 243 -12.99 10.65 -43.81
N LYS A 244 -14.27 10.32 -43.49
CA LYS A 244 -14.87 10.51 -42.17
C LYS A 244 -15.53 9.22 -41.73
N TYR A 245 -15.04 8.65 -40.62
CA TYR A 245 -15.52 7.40 -40.03
C TYR A 245 -15.81 7.52 -38.53
N GLY A 246 -16.83 6.82 -38.07
CA GLY A 246 -17.19 6.78 -36.66
C GLY A 246 -17.10 5.38 -36.12
N VAL A 247 -16.41 5.17 -34.97
CA VAL A 247 -16.33 3.84 -34.36
C VAL A 247 -17.17 3.83 -33.10
N ILE A 248 -18.06 2.87 -33.00
CA ILE A 248 -18.90 2.68 -31.83
C ILE A 248 -18.25 1.48 -31.15
N HIS A 249 -17.84 1.68 -29.89
CA HIS A 249 -17.11 0.71 -29.04
C HIS A 249 -18.01 0.02 -28.01
N VAL A 250 -19.29 0.44 -27.94
CA VAL A 250 -20.23 -0.07 -26.92
C VAL A 250 -21.53 -0.52 -27.55
N ASN A 251 -22.42 -1.12 -26.72
CA ASN A 251 -23.75 -1.47 -27.14
C ASN A 251 -24.47 -0.08 -27.25
N HIS A 252 -25.18 0.17 -28.35
CA HIS A 252 -25.85 1.46 -28.58
C HIS A 252 -27.13 1.72 -27.77
N HIS A 253 -27.75 0.71 -27.15
CA HIS A 253 -28.94 0.90 -26.31
C HIS A 253 -28.47 1.41 -24.95
N GLU A 254 -29.27 2.24 -24.28
CA GLU A 254 -28.91 2.78 -22.95
C GLU A 254 -28.79 1.67 -21.86
N ASN A 255 -27.75 1.78 -20.97
CA ASN A 255 -27.48 0.82 -19.89
C ASN A 255 -28.57 0.83 -18.83
N PHE A 256 -28.96 -0.36 -18.34
CA PHE A 256 -30.02 -0.54 -17.33
C PHE A 256 -31.26 0.30 -17.66
N ASP A 257 -31.72 0.19 -18.91
CA ASP A 257 -32.87 0.93 -19.39
C ASP A 257 -33.95 0.01 -19.89
N ASP A 258 -35.16 0.20 -19.38
CA ASP A 258 -36.36 -0.58 -19.68
C ASP A 258 -37.30 0.19 -20.63
N THR A 259 -36.93 1.43 -20.96
CA THR A 259 -37.73 2.27 -21.87
C THR A 259 -37.38 1.94 -23.33
N GLY A 260 -36.18 1.40 -23.52
CA GLY A 260 -35.66 1.03 -24.82
C GLY A 260 -35.10 2.23 -25.54
N ALA A 261 -34.39 3.06 -24.81
CA ALA A 261 -33.78 4.24 -25.37
C ALA A 261 -32.38 3.89 -25.87
N PHE A 262 -31.83 4.73 -26.74
CA PHE A 262 -30.48 4.58 -27.23
C PHE A 262 -29.54 5.60 -26.56
N LYS A 263 -28.24 5.24 -26.47
CA LYS A 263 -27.18 6.11 -25.97
C LYS A 263 -27.14 7.31 -26.94
N LYS A 264 -27.35 8.54 -26.39
CA LYS A 264 -27.48 9.79 -27.14
C LYS A 264 -26.38 10.10 -28.15
N SER A 265 -25.10 10.00 -27.72
CA SER A 265 -23.93 10.27 -28.57
C SER A 265 -23.85 9.23 -29.68
N GLU A 266 -24.12 7.97 -29.36
CA GLU A 266 -24.12 6.87 -30.32
C GLU A 266 -25.29 6.98 -31.32
N LYS A 267 -26.50 7.33 -30.83
CA LYS A 267 -27.70 7.60 -31.64
C LYS A 267 -27.39 8.57 -32.78
N TYR A 268 -26.72 9.70 -32.46
CA TYR A 268 -26.31 10.74 -33.40
C TYR A 268 -25.29 10.24 -34.42
N ILE A 269 -24.22 9.54 -33.94
CA ILE A 269 -23.19 8.94 -34.80
C ILE A 269 -23.90 8.05 -35.86
N ILE A 270 -24.79 7.13 -35.37
CA ILE A 270 -25.58 6.19 -36.14
C ILE A 270 -26.46 6.89 -37.20
N GLU A 271 -27.32 7.82 -36.75
CA GLU A 271 -28.26 8.54 -37.61
C GLU A 271 -27.57 9.21 -38.81
N ASN A 272 -26.30 9.61 -38.62
CA ASN A 272 -25.50 10.30 -39.61
C ASN A 272 -24.49 9.43 -40.36
N ALA A 273 -24.71 8.10 -40.35
CA ALA A 273 -23.83 7.13 -41.02
C ALA A 273 -23.81 7.30 -42.54
N ASN A 274 -24.97 7.58 -43.16
CA ASN A 274 -25.08 7.78 -44.60
C ASN A 274 -24.41 9.07 -45.07
N LYS A 275 -24.36 10.08 -44.18
CA LYS A 275 -23.78 11.40 -44.44
C LYS A 275 -22.23 11.44 -44.31
N ILE A 276 -21.60 10.31 -43.95
CA ILE A 276 -20.15 10.13 -43.84
C ILE A 276 -19.73 8.82 -44.53
N ASN A 277 -18.41 8.52 -44.61
CA ASN A 277 -17.89 7.34 -45.30
C ASN A 277 -18.32 6.03 -44.68
N GLY A 278 -18.67 6.07 -43.40
CA GLY A 278 -19.18 4.90 -42.70
C GLY A 278 -19.07 4.95 -41.19
N VAL A 279 -19.87 4.10 -40.51
CA VAL A 279 -19.86 3.92 -39.06
C VAL A 279 -19.54 2.46 -38.75
N ILE A 280 -18.45 2.25 -37.97
CA ILE A 280 -17.94 0.95 -37.57
C ILE A 280 -18.50 0.51 -36.22
N VAL A 281 -18.93 -0.77 -36.17
CA VAL A 281 -19.43 -1.48 -35.01
C VAL A 281 -18.59 -2.74 -34.89
N LEU A 282 -18.33 -3.17 -33.65
CA LEU A 282 -17.43 -4.30 -33.42
C LEU A 282 -17.89 -5.69 -33.81
N THR A 283 -19.22 -5.98 -33.77
CA THR A 283 -19.82 -7.32 -34.07
C THR A 283 -20.96 -7.25 -35.10
N GLU A 284 -21.17 -8.34 -35.88
CA GLU A 284 -22.24 -8.44 -36.90
C GLU A 284 -23.64 -8.30 -36.34
N ALA A 285 -23.85 -8.86 -35.14
CA ALA A 285 -25.10 -8.76 -34.39
C ALA A 285 -25.49 -7.27 -34.15
N GLN A 286 -24.50 -6.39 -33.85
CA GLN A 286 -24.77 -4.97 -33.64
C GLN A 286 -25.21 -4.31 -34.93
N ARG A 287 -24.49 -4.57 -36.01
CA ARG A 287 -24.78 -4.04 -37.34
C ARG A 287 -26.19 -4.42 -37.79
N LEU A 288 -26.54 -5.75 -37.75
CA LEU A 288 -27.87 -6.27 -38.08
C LEU A 288 -28.96 -5.55 -37.31
N ASP A 289 -28.82 -5.48 -35.96
CA ASP A 289 -29.74 -4.74 -35.09
C ASP A 289 -29.90 -3.28 -35.55
N ILE A 290 -28.77 -2.53 -35.70
CA ILE A 290 -28.77 -1.13 -36.13
C ILE A 290 -29.57 -0.94 -37.42
N LEU A 291 -29.36 -1.83 -38.41
CA LEU A 291 -30.08 -1.79 -39.70
C LEU A 291 -31.62 -1.91 -39.61
N ASN A 292 -32.12 -2.61 -38.59
CA ASN A 292 -33.54 -2.84 -38.33
C ASN A 292 -34.12 -1.82 -37.38
N GLN A 293 -33.25 -1.03 -36.74
CA GLN A 293 -33.66 0.00 -35.78
C GLN A 293 -33.55 1.38 -36.36
N PHE A 294 -32.77 1.55 -37.45
CA PHE A 294 -32.54 2.87 -38.03
C PHE A 294 -32.68 2.90 -39.54
N ASP A 295 -33.08 4.06 -40.07
CA ASP A 295 -33.25 4.33 -41.49
C ASP A 295 -31.88 4.76 -42.07
N VAL A 296 -30.86 3.89 -41.94
CA VAL A 296 -29.49 4.18 -42.39
C VAL A 296 -28.85 2.86 -42.84
N GLU A 297 -28.02 2.87 -43.89
CA GLU A 297 -27.39 1.64 -44.37
C GLU A 297 -25.84 1.55 -44.30
N ASN A 298 -25.17 2.71 -44.19
CA ASN A 298 -23.71 2.84 -44.15
C ASN A 298 -23.03 2.38 -42.82
N ILE A 299 -23.35 1.13 -42.38
CA ILE A 299 -22.84 0.53 -41.12
C ILE A 299 -21.90 -0.60 -41.47
N PHE A 300 -20.73 -0.60 -40.84
CA PHE A 300 -19.74 -1.62 -41.14
C PHE A 300 -19.26 -2.34 -39.94
N THR A 301 -19.05 -3.65 -40.08
CA THR A 301 -18.54 -4.49 -39.02
C THR A 301 -17.06 -4.72 -39.22
N ILE A 302 -16.30 -4.18 -38.29
CA ILE A 302 -14.86 -4.39 -38.22
C ILE A 302 -14.60 -4.60 -36.76
N SER A 303 -14.25 -5.84 -36.38
CA SER A 303 -13.83 -6.22 -35.03
C SER A 303 -12.59 -5.38 -34.71
N ASN A 304 -12.33 -5.11 -33.42
CA ASN A 304 -11.09 -4.38 -33.14
C ASN A 304 -9.87 -5.31 -33.30
N PHE A 305 -8.68 -4.76 -33.68
CA PHE A 305 -7.46 -5.54 -33.84
C PHE A 305 -7.19 -6.38 -32.59
N VAL A 306 -6.77 -7.61 -32.78
CA VAL A 306 -6.50 -8.54 -31.68
C VAL A 306 -5.00 -8.90 -31.61
N LYS A 307 -4.45 -8.85 -30.38
CA LYS A 307 -3.07 -9.13 -30.02
C LYS A 307 -2.94 -10.57 -29.54
N ILE A 308 -2.37 -11.42 -30.38
CA ILE A 308 -2.19 -12.86 -30.20
C ILE A 308 -0.82 -13.20 -29.61
N HIS A 309 -0.76 -13.16 -28.27
CA HIS A 309 0.43 -13.50 -27.46
C HIS A 309 0.51 -15.02 -27.44
N ASN A 310 1.71 -15.59 -27.20
CA ASN A 310 1.83 -17.05 -27.14
C ASN A 310 1.08 -17.57 -25.92
N ALA A 311 0.45 -18.73 -26.08
CA ALA A 311 -0.35 -19.38 -25.04
C ALA A 311 0.49 -19.87 -23.85
N PRO A 312 -0.08 -19.91 -22.61
CA PRO A 312 0.67 -20.46 -21.47
C PRO A 312 1.12 -21.89 -21.75
N LYS A 313 2.33 -22.24 -21.27
CA LYS A 313 2.93 -23.57 -21.47
C LYS A 313 2.02 -24.66 -20.90
N HIS A 314 1.51 -24.42 -19.69
CA HIS A 314 0.67 -25.39 -19.01
C HIS A 314 -0.74 -24.91 -18.77
N PHE A 315 -1.68 -25.85 -18.89
CA PHE A 315 -3.08 -25.68 -18.60
C PHE A 315 -3.23 -25.74 -17.08
N GLN A 316 -4.26 -25.13 -16.52
CA GLN A 316 -4.50 -25.15 -15.08
C GLN A 316 -5.46 -26.30 -14.75
N THR A 317 -5.00 -27.24 -13.91
CA THR A 317 -5.79 -28.40 -13.48
C THR A 317 -6.67 -28.04 -12.30
N GLU A 318 -6.14 -27.21 -11.38
CA GLU A 318 -6.84 -26.74 -10.19
C GLU A 318 -8.12 -25.98 -10.57
N LYS A 319 -9.15 -26.13 -9.73
CA LYS A 319 -10.46 -25.54 -9.90
C LYS A 319 -10.47 -24.03 -9.64
N ILE A 320 -9.77 -23.25 -10.50
CA ILE A 320 -9.69 -21.79 -10.40
C ILE A 320 -10.44 -21.12 -11.58
N VAL A 321 -11.44 -20.29 -11.24
CA VAL A 321 -12.26 -19.53 -12.19
C VAL A 321 -11.78 -18.08 -12.12
N GLY A 322 -11.50 -17.50 -13.27
CA GLY A 322 -11.01 -16.13 -13.33
C GLY A 322 -11.94 -15.09 -13.90
N HIS A 323 -11.81 -13.86 -13.40
CA HIS A 323 -12.57 -12.69 -13.82
C HIS A 323 -11.66 -11.46 -13.71
N ILE A 324 -11.28 -10.88 -14.86
CA ILE A 324 -10.43 -9.70 -14.93
C ILE A 324 -11.18 -8.59 -15.66
N SER A 325 -11.55 -7.54 -14.93
CA SER A 325 -12.25 -6.40 -15.51
C SER A 325 -12.14 -5.20 -14.57
N ARG A 326 -12.74 -4.08 -14.99
CA ARG A 326 -12.93 -2.91 -14.14
C ARG A 326 -14.17 -3.28 -13.29
N MET A 327 -14.04 -3.15 -11.98
CA MET A 327 -15.12 -3.43 -11.02
C MET A 327 -16.24 -2.38 -11.18
N VAL A 328 -17.06 -2.46 -12.27
CA VAL A 328 -18.15 -1.51 -12.58
C VAL A 328 -19.53 -2.15 -12.68
N PRO A 329 -20.64 -1.40 -12.49
CA PRO A 329 -21.99 -2.04 -12.53
C PRO A 329 -22.38 -2.86 -13.75
N THR A 330 -21.99 -2.46 -14.99
CA THR A 330 -22.34 -3.19 -16.25
C THR A 330 -21.79 -4.63 -16.31
N LYS A 331 -20.63 -4.88 -15.62
CA LYS A 331 -19.92 -6.17 -15.48
C LYS A 331 -20.68 -7.18 -14.66
N ARG A 332 -21.63 -6.68 -13.81
CA ARG A 332 -22.52 -7.40 -12.90
C ARG A 332 -21.77 -8.40 -12.04
N ILE A 333 -20.79 -7.92 -11.29
CA ILE A 333 -20.02 -8.77 -10.39
C ILE A 333 -20.92 -9.36 -9.26
N ASP A 334 -22.10 -8.71 -9.01
CA ASP A 334 -23.11 -9.19 -8.07
C ASP A 334 -23.66 -10.52 -8.54
N LEU A 335 -23.91 -10.66 -9.86
CA LEU A 335 -24.39 -11.90 -10.48
C LEU A 335 -23.33 -13.00 -10.45
N LEU A 336 -22.03 -12.64 -10.58
CA LEU A 336 -20.91 -13.57 -10.50
C LEU A 336 -20.81 -14.09 -9.05
N ILE A 337 -21.06 -13.23 -8.04
CA ILE A 337 -21.12 -13.66 -6.62
C ILE A 337 -22.30 -14.63 -6.41
N GLU A 338 -23.47 -14.31 -6.99
CA GLU A 338 -24.68 -15.16 -6.91
C GLU A 338 -24.48 -16.53 -7.55
N VAL A 339 -23.62 -16.59 -8.61
CA VAL A 339 -23.24 -17.79 -9.35
C VAL A 339 -22.22 -18.56 -8.52
N ALA A 340 -21.21 -17.85 -7.95
CA ALA A 340 -20.15 -18.42 -7.09
C ALA A 340 -20.74 -19.15 -5.91
N GLU A 341 -21.78 -18.56 -5.28
CA GLU A 341 -22.51 -19.15 -4.15
C GLU A 341 -23.16 -20.48 -4.59
N LEU A 342 -23.73 -20.54 -5.82
CA LEU A 342 -24.35 -21.77 -6.35
C LEU A 342 -23.30 -22.80 -6.71
N VAL A 343 -22.16 -22.35 -7.25
CA VAL A 343 -21.04 -23.22 -7.63
C VAL A 343 -20.39 -23.86 -6.40
N VAL A 344 -20.04 -23.05 -5.41
CA VAL A 344 -19.39 -23.53 -4.17
C VAL A 344 -20.26 -24.40 -3.27
N LYS A 345 -21.59 -24.22 -3.34
CA LYS A 345 -22.56 -25.02 -2.58
C LYS A 345 -22.60 -26.50 -3.00
N LYS A 346 -22.30 -26.79 -4.28
CA LYS A 346 -22.26 -28.14 -4.87
C LYS A 346 -20.82 -28.70 -4.92
N ASP A 347 -19.78 -27.82 -5.02
CA ASP A 347 -18.35 -28.16 -5.02
C ASP A 347 -17.57 -27.21 -4.11
N ASN A 348 -17.05 -27.74 -3.00
CA ASN A 348 -16.28 -26.99 -2.00
C ASN A 348 -14.91 -26.55 -2.51
N ALA A 349 -14.29 -27.37 -3.37
CA ALA A 349 -12.94 -27.18 -3.92
C ALA A 349 -12.70 -25.94 -4.77
N VAL A 350 -13.69 -25.59 -5.61
CA VAL A 350 -13.62 -24.46 -6.55
C VAL A 350 -13.34 -23.09 -5.90
N LYS A 351 -12.46 -22.29 -6.54
CA LYS A 351 -12.06 -20.96 -6.13
C LYS A 351 -12.30 -19.95 -7.25
N PHE A 352 -12.73 -18.74 -6.86
CA PHE A 352 -12.99 -17.63 -7.77
C PHE A 352 -11.99 -16.51 -7.51
N HIS A 353 -11.25 -16.10 -8.57
CA HIS A 353 -10.24 -15.03 -8.56
C HIS A 353 -10.73 -13.85 -9.38
N ILE A 354 -11.06 -12.75 -8.70
CA ILE A 354 -11.56 -11.53 -9.34
C ILE A 354 -10.58 -10.41 -9.24
N TYR A 355 -10.00 -10.05 -10.40
CA TYR A 355 -9.02 -8.98 -10.56
C TYR A 355 -9.70 -7.72 -11.03
N GLY A 356 -9.17 -6.60 -10.55
CA GLY A 356 -9.64 -5.27 -10.88
C GLY A 356 -9.99 -4.42 -9.71
N GLU A 357 -10.36 -3.17 -10.03
CA GLU A 357 -10.84 -2.14 -9.09
C GLU A 357 -11.92 -1.25 -9.70
N GLY A 358 -12.74 -0.66 -8.82
CA GLY A 358 -13.84 0.21 -9.22
C GLY A 358 -14.92 0.38 -8.17
N SER A 359 -15.97 1.14 -8.55
CA SER A 359 -17.12 1.54 -7.76
C SER A 359 -17.84 0.42 -7.00
N VAL A 360 -18.01 -0.76 -7.63
CA VAL A 360 -18.71 -1.89 -6.98
C VAL A 360 -17.87 -2.65 -5.93
N LYS A 361 -16.52 -2.54 -5.98
CA LYS A 361 -15.56 -3.24 -5.12
C LYS A 361 -15.98 -3.43 -3.64
N ASP A 362 -16.43 -2.36 -2.97
CA ASP A 362 -16.88 -2.44 -1.56
C ASP A 362 -18.20 -3.18 -1.44
N LYS A 363 -19.16 -2.93 -2.38
CA LYS A 363 -20.47 -3.60 -2.41
C LYS A 363 -20.36 -5.10 -2.66
N ILE A 364 -19.30 -5.53 -3.38
CA ILE A 364 -19.02 -6.94 -3.71
C ILE A 364 -18.23 -7.61 -2.60
N ALA A 365 -17.31 -6.86 -1.93
CA ALA A 365 -16.52 -7.32 -0.78
C ALA A 365 -17.43 -7.67 0.39
N LYS A 366 -18.44 -6.80 0.67
CA LYS A 366 -19.43 -7.02 1.73
C LYS A 366 -20.37 -8.15 1.36
N MET A 367 -20.61 -8.37 0.06
CA MET A 367 -21.48 -9.41 -0.49
C MET A 367 -20.88 -10.83 -0.26
N ILE A 368 -19.54 -10.95 -0.30
CA ILE A 368 -18.79 -12.20 -0.08
C ILE A 368 -18.94 -12.60 1.41
N GLU A 369 -18.94 -11.59 2.30
CA GLU A 369 -19.08 -11.71 3.76
C GLU A 369 -20.47 -12.24 4.14
N ASP A 370 -21.54 -11.67 3.55
CA ASP A 370 -22.93 -12.05 3.80
C ASP A 370 -23.16 -13.49 3.41
N LYS A 371 -22.74 -13.88 2.19
CA LYS A 371 -22.92 -15.23 1.64
C LYS A 371 -21.89 -16.27 2.15
N ASN A 372 -20.95 -15.83 3.05
CA ASN A 372 -19.89 -16.61 3.71
C ASN A 372 -18.96 -17.33 2.71
N LEU A 373 -18.62 -16.60 1.63
CA LEU A 373 -17.79 -17.06 0.51
C LEU A 373 -16.36 -16.58 0.61
N GLU A 374 -15.88 -16.27 1.84
CA GLU A 374 -14.53 -15.78 2.12
C GLU A 374 -13.42 -16.75 1.71
N ARG A 375 -13.56 -18.04 2.03
CA ARG A 375 -12.59 -19.09 1.73
C ARG A 375 -12.55 -19.49 0.25
N ASN A 376 -13.58 -19.09 -0.56
CA ASN A 376 -13.69 -19.47 -1.97
C ASN A 376 -13.71 -18.31 -2.98
N VAL A 377 -14.02 -17.07 -2.55
CA VAL A 377 -14.07 -15.93 -3.47
C VAL A 377 -13.05 -14.88 -3.06
N PHE A 378 -12.14 -14.54 -3.97
CA PHE A 378 -11.04 -13.62 -3.68
C PHE A 378 -10.97 -12.45 -4.62
N LEU A 379 -11.03 -11.22 -4.03
CA LEU A 379 -10.88 -9.95 -4.74
C LEU A 379 -9.41 -9.65 -4.68
N LYS A 380 -8.71 -9.88 -5.78
CA LYS A 380 -7.26 -9.78 -5.86
C LYS A 380 -6.68 -8.41 -6.20
N GLY A 381 -7.55 -7.44 -6.47
CA GLY A 381 -7.18 -6.07 -6.83
C GLY A 381 -6.73 -5.95 -8.27
N TYR A 382 -6.22 -4.75 -8.65
CA TYR A 382 -5.74 -4.46 -10.01
C TYR A 382 -4.51 -5.27 -10.40
N THR A 383 -4.42 -5.65 -11.70
CA THR A 383 -3.28 -6.36 -12.26
C THR A 383 -2.70 -5.64 -13.48
N THR A 384 -1.37 -5.52 -13.50
CA THR A 384 -0.63 -4.88 -14.59
C THR A 384 -0.33 -5.91 -15.68
N THR A 385 -0.41 -7.21 -15.31
CA THR A 385 -0.12 -8.37 -16.16
C THR A 385 -1.31 -9.35 -16.18
N PRO A 386 -2.46 -9.00 -16.83
CA PRO A 386 -3.59 -9.96 -16.88
C PRO A 386 -3.28 -11.28 -17.60
N GLN A 387 -2.27 -11.22 -18.52
CA GLN A 387 -1.78 -12.34 -19.32
C GLN A 387 -1.16 -13.39 -18.41
N LYS A 388 -0.45 -12.95 -17.35
CA LYS A 388 0.17 -13.85 -16.38
C LYS A 388 -0.91 -14.45 -15.46
N CYS A 389 -1.86 -13.63 -15.00
CA CYS A 389 -2.96 -14.08 -14.14
C CYS A 389 -3.75 -15.20 -14.83
N LEU A 390 -3.98 -15.06 -16.14
CA LEU A 390 -4.70 -15.99 -16.97
C LEU A 390 -4.12 -17.39 -16.99
N GLU A 391 -2.79 -17.52 -16.92
CA GLU A 391 -2.08 -18.82 -16.86
C GLU A 391 -2.64 -19.67 -15.72
N ASP A 392 -2.88 -19.03 -14.57
CA ASP A 392 -3.38 -19.60 -13.31
C ASP A 392 -4.89 -19.94 -13.25
N PHE A 393 -5.65 -19.75 -14.34
CA PHE A 393 -7.08 -20.04 -14.37
C PHE A 393 -7.40 -21.32 -15.17
N LYS A 394 -8.41 -22.08 -14.74
CA LYS A 394 -8.86 -23.28 -15.46
C LYS A 394 -9.83 -22.81 -16.59
N LEU A 395 -10.69 -21.82 -16.24
CA LEU A 395 -11.65 -21.18 -17.12
C LEU A 395 -11.87 -19.74 -16.69
N VAL A 396 -12.51 -18.96 -17.56
CA VAL A 396 -12.86 -17.56 -17.35
C VAL A 396 -14.36 -17.42 -17.47
N VAL A 397 -14.91 -16.49 -16.71
CA VAL A 397 -16.34 -16.24 -16.63
C VAL A 397 -16.69 -14.76 -16.94
N SER A 398 -17.90 -14.52 -17.46
CA SER A 398 -18.43 -13.18 -17.71
C SER A 398 -19.94 -13.10 -17.39
N THR A 399 -20.30 -12.24 -16.41
CA THR A 399 -21.70 -11.98 -16.04
C THR A 399 -22.12 -10.65 -16.61
N SER A 400 -21.25 -10.01 -17.37
CA SER A 400 -21.47 -8.70 -17.96
C SER A 400 -22.76 -8.67 -18.79
N GLN A 401 -23.54 -7.58 -18.66
CA GLN A 401 -24.83 -7.37 -19.31
C GLN A 401 -24.71 -6.57 -20.60
N TYR A 402 -23.70 -5.69 -20.65
CA TYR A 402 -23.49 -4.81 -21.80
C TYR A 402 -22.05 -4.87 -22.22
N GLU A 403 -21.79 -4.87 -23.56
CA GLU A 403 -20.47 -4.94 -24.18
C GLU A 403 -20.54 -4.53 -25.65
N GLY A 404 -19.42 -4.07 -26.22
CA GLY A 404 -19.30 -3.78 -27.65
C GLY A 404 -18.74 -5.00 -28.35
N GLN A 405 -17.85 -5.73 -27.63
CA GLN A 405 -17.18 -6.95 -28.04
C GLN A 405 -16.73 -7.80 -26.83
N GLY A 406 -15.99 -7.23 -25.88
CA GLY A 406 -15.56 -7.99 -24.70
C GLY A 406 -14.18 -8.58 -24.83
N LEU A 407 -13.20 -7.69 -24.83
CA LEU A 407 -11.78 -7.96 -24.98
C LEU A 407 -11.11 -8.89 -23.97
N SER A 408 -11.51 -8.85 -22.68
CA SER A 408 -10.99 -9.74 -21.61
C SER A 408 -11.32 -11.21 -21.93
N MET A 409 -12.52 -11.44 -22.51
CA MET A 409 -13.05 -12.74 -22.91
C MET A 409 -12.20 -13.24 -24.06
N ILE A 410 -11.95 -12.37 -25.06
CA ILE A 410 -11.09 -12.69 -26.19
C ILE A 410 -9.66 -13.00 -25.69
N GLU A 411 -9.12 -12.17 -24.77
CA GLU A 411 -7.80 -12.34 -24.15
C GLU A 411 -7.67 -13.70 -23.48
N ALA A 412 -8.69 -14.13 -22.77
CA ALA A 412 -8.75 -15.40 -22.06
C ALA A 412 -8.65 -16.56 -23.04
N MET A 413 -9.34 -16.43 -24.18
CA MET A 413 -9.40 -17.44 -25.22
C MET A 413 -8.07 -17.60 -25.91
N ILE A 414 -7.36 -16.47 -26.14
CA ILE A 414 -6.01 -16.46 -26.74
C ILE A 414 -5.05 -17.25 -25.83
N SER A 415 -5.21 -17.10 -24.50
CA SER A 415 -4.37 -17.79 -23.53
C SER A 415 -4.87 -19.22 -23.20
N LYS A 416 -5.72 -19.79 -24.09
CA LYS A 416 -6.31 -21.13 -24.02
C LYS A 416 -7.19 -21.39 -22.79
N ARG A 417 -7.92 -20.34 -22.33
CA ARG A 417 -8.82 -20.38 -21.17
C ARG A 417 -10.27 -20.21 -21.64
N PRO A 418 -11.08 -21.30 -21.66
CA PRO A 418 -12.46 -21.20 -22.15
C PRO A 418 -13.33 -20.23 -21.38
N VAL A 419 -14.31 -19.61 -22.07
CA VAL A 419 -15.17 -18.65 -21.42
C VAL A 419 -16.60 -19.21 -21.24
N VAL A 420 -17.14 -19.00 -20.02
CA VAL A 420 -18.54 -19.32 -19.67
C VAL A 420 -19.16 -17.92 -19.51
N ALA A 421 -19.97 -17.49 -20.50
CA ALA A 421 -20.53 -16.15 -20.46
C ALA A 421 -22.00 -16.05 -20.79
N PHE A 422 -22.64 -15.01 -20.23
CA PHE A 422 -24.00 -14.67 -20.54
C PHE A 422 -24.06 -14.22 -22.03
N ASP A 423 -25.02 -14.77 -22.80
CA ASP A 423 -25.19 -14.45 -24.22
C ASP A 423 -25.83 -13.06 -24.36
N ILE A 424 -25.00 -12.02 -24.24
CA ILE A 424 -25.44 -10.63 -24.28
C ILE A 424 -25.17 -9.92 -25.60
N LYS A 425 -25.74 -8.72 -25.69
CA LYS A 425 -25.53 -7.78 -26.75
C LYS A 425 -24.38 -6.88 -26.26
N TYR A 426 -23.17 -6.92 -26.85
CA TYR A 426 -22.75 -7.71 -28.00
C TYR A 426 -21.39 -8.35 -27.77
N GLY A 427 -21.08 -9.43 -28.50
CA GLY A 427 -19.77 -10.05 -28.37
C GLY A 427 -19.68 -11.53 -28.06
N PRO A 428 -20.05 -12.01 -26.84
CA PRO A 428 -19.92 -13.46 -26.57
C PRO A 428 -20.31 -14.40 -27.72
N SER A 429 -21.48 -14.19 -28.36
CA SER A 429 -21.94 -15.04 -29.49
C SER A 429 -21.08 -14.94 -30.76
N ASP A 430 -20.35 -13.83 -30.93
CA ASP A 430 -19.48 -13.64 -32.09
C ASP A 430 -18.29 -14.57 -32.06
N PHE A 431 -17.72 -14.82 -30.86
CA PHE A 431 -16.51 -15.62 -30.69
C PHE A 431 -16.63 -16.93 -29.94
N ILE A 432 -17.60 -17.08 -29.04
CA ILE A 432 -17.77 -18.36 -28.36
C ILE A 432 -18.64 -19.28 -29.24
N GLU A 433 -18.17 -20.53 -29.48
CA GLU A 433 -18.90 -21.62 -30.13
C GLU A 433 -19.31 -22.53 -28.95
N ASP A 434 -20.58 -22.43 -28.52
CA ASP A 434 -21.15 -23.21 -27.40
C ASP A 434 -20.88 -24.70 -27.55
N ASN A 435 -20.40 -25.34 -26.47
CA ASN A 435 -20.04 -26.74 -26.42
C ASN A 435 -18.89 -27.14 -27.38
N LYS A 436 -18.04 -26.17 -27.78
CA LYS A 436 -16.87 -26.41 -28.63
C LYS A 436 -15.63 -25.68 -28.08
N ASN A 437 -15.79 -24.37 -27.75
CA ASN A 437 -14.72 -23.55 -27.17
C ASN A 437 -15.11 -22.67 -25.99
N GLY A 438 -16.22 -23.02 -25.35
CA GLY A 438 -16.79 -22.35 -24.19
C GLY A 438 -18.29 -22.56 -24.14
N TYR A 439 -18.98 -21.80 -23.29
CA TYR A 439 -20.43 -21.90 -23.13
C TYR A 439 -21.14 -20.58 -23.19
N LEU A 440 -22.24 -20.55 -23.95
CA LEU A 440 -23.11 -19.39 -24.08
C LEU A 440 -24.28 -19.60 -23.15
N ILE A 441 -24.41 -18.73 -22.15
CA ILE A 441 -25.49 -18.87 -21.18
C ILE A 441 -26.61 -17.91 -21.50
N GLU A 442 -27.84 -18.31 -21.27
CA GLU A 442 -29.03 -17.50 -21.40
C GLU A 442 -28.84 -16.40 -20.37
N ASN A 443 -28.94 -15.15 -20.78
CA ASN A 443 -28.72 -14.04 -19.89
C ASN A 443 -29.53 -14.09 -18.57
N HIS A 444 -28.82 -13.88 -17.43
CA HIS A 444 -29.33 -13.88 -16.06
C HIS A 444 -29.59 -15.28 -15.47
N ASN A 445 -29.48 -16.35 -16.29
CA ASN A 445 -29.68 -17.72 -15.84
C ASN A 445 -28.47 -18.16 -15.00
N ILE A 446 -28.43 -17.66 -13.74
CA ILE A 446 -27.40 -17.89 -12.74
C ILE A 446 -27.19 -19.38 -12.45
N ASN A 447 -28.28 -20.17 -12.56
CA ASN A 447 -28.29 -21.62 -12.35
C ASN A 447 -27.69 -22.40 -13.51
N ASP A 448 -28.04 -22.06 -14.77
CA ASP A 448 -27.47 -22.73 -15.95
C ASP A 448 -25.95 -22.40 -16.07
N MET A 449 -25.57 -21.14 -15.74
CA MET A 449 -24.17 -20.71 -15.72
C MET A 449 -23.40 -21.50 -14.65
N ALA A 450 -23.96 -21.64 -13.45
CA ALA A 450 -23.36 -22.41 -12.36
C ALA A 450 -23.08 -23.87 -12.78
N ASP A 451 -24.05 -24.51 -13.51
CA ASP A 451 -23.98 -25.88 -14.05
C ASP A 451 -22.82 -26.08 -15.00
N LYS A 452 -22.70 -25.18 -16.00
CA LYS A 452 -21.65 -25.26 -17.01
C LYS A 452 -20.27 -24.97 -16.44
N ILE A 453 -20.20 -24.18 -15.34
CA ILE A 453 -18.95 -23.88 -14.64
C ILE A 453 -18.51 -25.15 -13.95
N LEU A 454 -19.45 -25.82 -13.26
CA LEU A 454 -19.18 -27.09 -12.58
C LEU A 454 -18.76 -28.19 -13.55
N GLN A 455 -19.40 -28.28 -14.72
CA GLN A 455 -19.07 -29.27 -15.76
C GLN A 455 -17.64 -29.10 -16.25
N LEU A 456 -17.29 -27.87 -16.64
CA LEU A 456 -15.98 -27.51 -17.19
C LEU A 456 -14.85 -27.49 -16.15
N VAL A 457 -15.14 -27.03 -14.90
CA VAL A 457 -14.16 -26.98 -13.81
C VAL A 457 -13.75 -28.34 -13.28
N ASN A 458 -14.64 -29.35 -13.40
CA ASN A 458 -14.40 -30.72 -12.94
C ASN A 458 -14.07 -31.70 -14.09
N ASN A 459 -13.65 -31.18 -15.25
CA ASN A 459 -13.30 -31.96 -16.41
C ASN A 459 -12.04 -31.35 -17.05
N ASP A 460 -10.87 -31.87 -16.64
CA ASP A 460 -9.55 -31.47 -17.11
C ASP A 460 -9.40 -31.68 -18.63
N VAL A 461 -10.17 -32.63 -19.21
CA VAL A 461 -10.18 -32.97 -20.64
C VAL A 461 -10.99 -31.97 -21.46
N LEU A 462 -12.18 -31.57 -20.96
CA LEU A 462 -13.05 -30.58 -21.59
C LEU A 462 -12.39 -29.18 -21.54
N ALA A 463 -11.84 -28.80 -20.36
CA ALA A 463 -11.18 -27.51 -20.12
C ALA A 463 -10.02 -27.24 -21.10
N ALA A 464 -9.19 -28.25 -21.37
CA ALA A 464 -8.05 -28.11 -22.28
C ALA A 464 -8.46 -28.11 -23.74
N GLU A 465 -9.50 -28.90 -24.10
CA GLU A 465 -10.01 -28.95 -25.48
C GLU A 465 -10.76 -27.68 -25.83
N PHE A 466 -11.56 -27.15 -24.88
CA PHE A 466 -12.30 -25.90 -25.09
C PHE A 466 -11.33 -24.74 -25.18
N GLY A 467 -10.26 -24.81 -24.40
CA GLY A 467 -9.20 -23.82 -24.37
C GLY A 467 -8.42 -23.74 -25.67
N SER A 468 -7.98 -24.90 -26.17
CA SER A 468 -7.24 -25.02 -27.44
C SER A 468 -8.09 -24.60 -28.65
N LYS A 469 -9.40 -24.91 -28.63
CA LYS A 469 -10.33 -24.53 -29.69
C LYS A 469 -10.71 -23.05 -29.62
N ALA A 470 -10.60 -22.45 -28.42
CA ALA A 470 -10.89 -21.04 -28.19
C ALA A 470 -9.83 -20.18 -28.87
N ARG A 471 -8.55 -20.60 -28.75
CA ARG A 471 -7.39 -19.93 -29.31
C ARG A 471 -7.40 -19.97 -30.84
N GLU A 472 -7.71 -21.16 -31.41
CA GLU A 472 -7.78 -21.43 -32.84
C GLU A 472 -8.83 -20.57 -33.51
N ASN A 473 -9.94 -20.35 -32.81
CA ASN A 473 -11.07 -19.55 -33.27
C ASN A 473 -10.72 -18.06 -33.34
N ILE A 474 -10.02 -17.54 -32.29
CA ILE A 474 -9.62 -16.14 -32.25
C ILE A 474 -8.61 -15.86 -33.36
N ILE A 475 -7.70 -16.81 -33.61
CA ILE A 475 -6.71 -16.73 -34.68
C ILE A 475 -7.40 -16.70 -36.07
N GLU A 476 -8.36 -17.59 -36.28
CA GLU A 476 -9.13 -17.71 -37.52
C GLU A 476 -10.02 -16.49 -37.76
N LYS A 477 -10.91 -16.16 -36.80
CA LYS A 477 -11.89 -15.08 -36.92
C LYS A 477 -11.36 -13.68 -36.84
N TYR A 478 -10.36 -13.43 -35.96
CA TYR A 478 -9.81 -12.08 -35.77
C TYR A 478 -8.36 -11.86 -36.17
N SER A 479 -7.97 -12.40 -37.34
CA SER A 479 -6.59 -12.24 -37.84
C SER A 479 -6.36 -10.78 -38.22
N THR A 480 -5.16 -10.24 -37.90
CA THR A 480 -4.78 -8.86 -38.21
C THR A 480 -4.96 -8.56 -39.71
N GLU A 481 -4.51 -9.49 -40.55
CA GLU A 481 -4.58 -9.47 -42.02
C GLU A 481 -6.03 -9.22 -42.51
N SER A 482 -7.03 -9.97 -41.95
CA SER A 482 -8.46 -9.81 -42.31
C SER A 482 -9.07 -8.47 -41.80
N ILE A 483 -8.70 -8.03 -40.56
CA ILE A 483 -9.22 -6.77 -39.99
C ILE A 483 -8.72 -5.55 -40.78
N LEU A 484 -7.42 -5.54 -41.15
CA LEU A 484 -6.77 -4.47 -41.93
C LEU A 484 -7.35 -4.40 -43.35
N GLU A 485 -7.68 -5.57 -43.92
CA GLU A 485 -8.27 -5.70 -45.24
C GLU A 485 -9.60 -4.94 -45.27
N LYS A 486 -10.45 -5.13 -44.21
CA LYS A 486 -11.76 -4.49 -44.06
C LYS A 486 -11.64 -2.97 -44.02
N TRP A 487 -10.69 -2.44 -43.23
CA TRP A 487 -10.40 -1.00 -43.12
C TRP A 487 -9.95 -0.45 -44.47
N LEU A 488 -8.97 -1.13 -45.11
CA LEU A 488 -8.39 -0.74 -46.41
C LEU A 488 -9.47 -0.66 -47.46
N ASN A 489 -10.37 -1.66 -47.48
CA ASN A 489 -11.49 -1.79 -48.42
C ASN A 489 -12.40 -0.57 -48.40
N LEU A 490 -12.50 0.08 -47.23
CA LEU A 490 -13.28 1.29 -47.01
C LEU A 490 -12.50 2.51 -47.44
N PHE A 491 -11.17 2.52 -47.14
CA PHE A 491 -10.27 3.62 -47.49
C PHE A 491 -10.10 3.72 -49.01
N ASN A 492 -10.17 2.57 -49.71
CA ASN A 492 -10.03 2.47 -51.17
C ASN A 492 -11.38 2.43 -51.94
N SER A 493 -12.53 2.59 -51.23
CA SER A 493 -13.88 2.61 -51.82
C SER A 493 -14.11 3.78 -52.77
N MET B 1 -8.13 7.11 42.23
CA MET B 1 -7.29 7.74 41.22
C MET B 1 -5.84 7.23 41.22
N LYS B 2 -5.71 5.89 41.23
CA LYS B 2 -4.47 5.09 41.18
C LYS B 2 -3.83 5.29 39.79
N LYS B 3 -2.49 5.19 39.70
CA LYS B 3 -1.77 5.38 38.42
C LYS B 3 -0.61 4.41 38.26
N ILE B 4 -0.47 3.84 37.03
CA ILE B 4 0.57 2.84 36.75
C ILE B 4 1.66 3.29 35.77
N PHE B 5 2.90 2.98 36.14
CA PHE B 5 4.11 3.27 35.40
C PHE B 5 4.78 1.94 35.10
N MET B 6 4.82 1.59 33.81
CA MET B 6 5.37 0.32 33.34
C MET B 6 6.69 0.51 32.63
N MET B 7 7.76 -0.03 33.23
CA MET B 7 9.13 0.11 32.79
C MET B 7 9.65 -0.95 31.87
N VAL B 8 10.32 -0.49 30.83
CA VAL B 8 10.97 -1.27 29.79
C VAL B 8 12.04 -0.32 29.19
N HIS B 9 13.17 -0.87 28.71
CA HIS B 9 14.21 -0.05 28.16
C HIS B 9 13.80 0.76 26.96
N GLU B 10 13.03 0.14 26.05
CA GLU B 10 12.62 0.80 24.82
C GLU B 10 11.33 0.23 24.29
N LEU B 11 10.68 0.97 23.40
CA LEU B 11 9.55 0.52 22.62
C LEU B 11 9.98 0.65 21.16
N ASP B 12 9.59 -0.32 20.35
CA ASP B 12 9.82 -0.32 18.91
C ASP B 12 8.71 -1.13 18.21
N VAL B 13 8.53 -0.99 16.88
CA VAL B 13 7.47 -1.63 16.07
C VAL B 13 7.59 -3.16 15.78
N ASN B 14 8.80 -3.73 15.87
CA ASN B 14 9.04 -5.14 15.56
C ASN B 14 9.41 -5.99 16.79
N LYS B 15 8.84 -5.68 17.95
CA LYS B 15 9.19 -6.48 19.12
C LYS B 15 8.31 -7.73 19.32
N GLY B 16 8.60 -8.46 20.39
CA GLY B 16 7.90 -9.67 20.75
C GLY B 16 6.88 -9.51 21.85
N GLY B 17 6.77 -10.57 22.66
CA GLY B 17 5.81 -10.74 23.74
C GLY B 17 5.84 -9.75 24.89
N MET B 18 7.03 -9.27 25.26
CA MET B 18 7.12 -8.33 26.39
C MET B 18 6.31 -7.06 26.17
N THR B 19 6.48 -6.43 25.01
CA THR B 19 5.80 -5.20 24.64
C THR B 19 4.31 -5.46 24.45
N SER B 20 3.96 -6.52 23.67
CA SER B 20 2.61 -7.04 23.40
C SER B 20 1.81 -7.17 24.71
N SER B 21 2.44 -7.82 25.73
CA SER B 21 1.94 -8.02 27.09
C SER B 21 1.65 -6.67 27.70
N MET B 22 2.69 -5.78 27.83
CA MET B 22 2.58 -4.43 28.35
C MET B 22 1.45 -3.65 27.70
N PHE B 23 1.36 -3.69 26.36
CA PHE B 23 0.33 -3.01 25.57
C PHE B 23 -1.10 -3.42 25.97
N ASN B 24 -1.36 -4.73 26.07
CA ASN B 24 -2.65 -5.25 26.49
C ASN B 24 -2.97 -5.00 27.96
N ARG B 25 -1.95 -5.13 28.86
CA ARG B 25 -2.06 -4.88 30.30
C ARG B 25 -2.53 -3.44 30.48
N SER B 26 -1.93 -2.50 29.71
CA SER B 26 -2.28 -1.08 29.72
C SER B 26 -3.73 -0.87 29.34
N LYS B 27 -4.17 -1.49 28.21
CA LYS B 27 -5.53 -1.43 27.66
C LYS B 27 -6.53 -1.86 28.71
N GLU B 28 -6.25 -2.99 29.37
CA GLU B 28 -7.08 -3.59 30.40
C GLU B 28 -7.10 -2.76 31.66
N PHE B 29 -5.95 -2.22 32.09
CA PHE B 29 -5.86 -1.34 33.27
C PHE B 29 -6.60 -0.04 33.03
N TYR B 30 -6.53 0.50 31.80
CA TYR B 30 -7.22 1.73 31.40
C TYR B 30 -8.73 1.49 31.35
N ASP B 31 -9.16 0.27 30.98
CA ASP B 31 -10.57 -0.13 30.92
C ASP B 31 -11.16 -0.23 32.34
N ALA B 32 -10.31 -0.57 33.33
CA ALA B 32 -10.63 -0.68 34.76
C ALA B 32 -10.39 0.67 35.49
N ASP B 33 -10.20 1.77 34.71
CA ASP B 33 -9.96 3.14 35.16
C ASP B 33 -8.71 3.34 36.03
N ILE B 34 -7.62 2.67 35.67
CA ILE B 34 -6.30 2.83 36.29
C ILE B 34 -5.32 3.12 35.16
N PRO B 35 -5.01 4.39 34.86
CA PRO B 35 -4.06 4.67 33.77
C PRO B 35 -2.76 3.89 33.94
N ALA B 36 -2.33 3.19 32.87
CA ALA B 36 -1.11 2.39 32.87
C ALA B 36 -0.28 2.74 31.64
N ASP B 37 0.71 3.61 31.85
CA ASP B 37 1.55 4.13 30.80
C ASP B 37 2.92 3.48 30.83
N ILE B 38 3.67 3.61 29.73
CA ILE B 38 4.99 3.00 29.60
C ILE B 38 6.13 4.03 29.75
N VAL B 39 7.17 3.68 30.53
CA VAL B 39 8.36 4.49 30.75
C VAL B 39 9.57 3.84 30.05
N THR B 40 10.20 4.54 29.10
CA THR B 40 11.41 4.06 28.39
C THR B 40 12.67 4.82 28.83
N PHE B 41 13.84 4.24 28.52
CA PHE B 41 15.16 4.70 28.98
C PHE B 41 16.21 4.88 27.92
N ASP B 42 15.81 4.69 26.65
CA ASP B 42 16.72 4.81 25.52
C ASP B 42 16.45 6.11 24.77
N TYR B 43 17.35 6.44 23.84
CA TYR B 43 17.19 7.59 22.99
C TYR B 43 16.88 7.17 21.60
N LYS B 44 15.89 7.82 21.02
CA LYS B 44 15.47 7.66 19.64
C LYS B 44 14.98 9.02 19.23
N GLY B 45 15.51 9.55 18.14
CA GLY B 45 15.05 10.82 17.63
C GLY B 45 13.68 10.75 16.99
N ASN B 46 13.29 9.53 16.52
CA ASN B 46 12.03 9.27 15.84
C ASN B 46 10.96 8.56 16.70
N TYR B 47 10.93 8.84 18.00
CA TYR B 47 9.99 8.22 18.92
C TYR B 47 8.52 8.54 18.63
N ASP B 48 8.24 9.76 18.16
CA ASP B 48 6.91 10.22 17.78
C ASP B 48 6.34 9.36 16.65
N GLU B 49 7.17 9.09 15.61
CA GLU B 49 6.83 8.27 14.45
C GLU B 49 6.56 6.81 14.88
N ILE B 50 7.43 6.24 15.75
CA ILE B 50 7.30 4.89 16.29
C ILE B 50 5.96 4.69 17.06
N ILE B 51 5.67 5.58 18.03
CA ILE B 51 4.45 5.57 18.84
C ILE B 51 3.20 5.74 17.98
N LYS B 52 3.25 6.62 16.97
CA LYS B 52 2.13 6.82 16.04
C LYS B 52 1.87 5.53 15.24
N ALA B 53 2.96 4.85 14.82
CA ALA B 53 2.88 3.60 14.07
C ALA B 53 2.30 2.46 14.88
N LEU B 54 2.75 2.29 16.16
CA LEU B 54 2.27 1.23 17.06
C LEU B 54 0.79 1.34 17.38
N LYS B 55 0.27 2.58 17.41
CA LYS B 55 -1.11 2.95 17.67
C LYS B 55 -1.99 2.70 16.46
N LYS B 56 -1.54 3.13 15.25
CA LYS B 56 -2.23 2.92 13.96
C LYS B 56 -2.38 1.39 13.68
N GLN B 57 -1.35 0.60 14.10
CA GLN B 57 -1.27 -0.87 14.03
C GLN B 57 -2.39 -1.52 14.84
N GLY B 58 -2.76 -0.83 15.91
CA GLY B 58 -3.74 -1.28 16.90
C GLY B 58 -3.04 -2.05 18.02
N LYS B 59 -1.70 -2.10 17.94
CA LYS B 59 -0.85 -2.80 18.90
C LYS B 59 -0.83 -2.05 20.23
N MET B 60 -0.59 -0.73 20.20
CA MET B 60 -0.54 0.13 21.36
C MET B 60 -1.85 0.91 21.45
N ASP B 61 -2.56 0.77 22.60
CA ASP B 61 -3.82 1.46 22.86
C ASP B 61 -3.61 2.97 22.74
N ARG B 62 -4.60 3.72 22.24
CA ARG B 62 -4.47 5.18 22.04
C ARG B 62 -4.28 5.92 23.35
N ARG B 63 -4.89 5.42 24.42
CA ARG B 63 -4.82 5.97 25.78
C ARG B 63 -3.45 5.85 26.41
N THR B 64 -2.70 4.79 26.06
CA THR B 64 -1.37 4.56 26.65
C THR B 64 -0.30 5.54 26.23
N LYS B 65 0.29 6.19 27.22
CA LYS B 65 1.36 7.15 27.02
C LYS B 65 2.71 6.49 27.15
N MET B 66 3.71 7.15 26.60
CA MET B 66 5.09 6.71 26.73
C MET B 66 5.85 7.88 27.25
N TYR B 67 6.41 7.71 28.44
CA TYR B 67 7.26 8.71 29.06
C TYR B 67 8.67 8.26 28.72
N ASN B 68 9.52 9.20 28.38
CA ASN B 68 10.89 8.85 28.03
C ASN B 68 11.82 9.85 28.69
N VAL B 69 12.91 9.36 29.30
CA VAL B 69 13.91 10.11 30.05
C VAL B 69 14.44 11.33 29.31
N PHE B 70 14.83 11.13 28.05
CA PHE B 70 15.36 12.15 27.16
C PHE B 70 14.27 13.10 26.68
N GLU B 71 13.05 12.57 26.38
CA GLU B 71 11.86 13.34 25.95
C GLU B 71 11.56 14.39 27.03
N TYR B 72 11.60 13.95 28.31
CA TYR B 72 11.44 14.75 29.52
C TYR B 72 12.41 15.97 29.59
N PHE B 73 13.73 15.76 29.41
CA PHE B 73 14.67 16.88 29.43
C PHE B 73 14.62 17.70 28.17
N LYS B 74 14.22 17.07 27.02
CA LYS B 74 14.07 17.78 25.73
C LYS B 74 12.98 18.82 25.90
N GLN B 75 11.80 18.45 26.50
CA GLN B 75 10.67 19.36 26.75
C GLN B 75 11.07 20.53 27.62
N ILE B 76 11.83 20.26 28.70
CA ILE B 76 12.38 21.29 29.61
C ILE B 76 13.33 22.24 28.81
N SER B 77 14.13 21.70 27.86
CA SER B 77 15.01 22.50 27.01
C SER B 77 14.20 23.32 26.01
N ASN B 78 13.13 22.71 25.43
CA ASN B 78 12.23 23.39 24.49
C ASN B 78 11.57 24.62 25.09
N ASN B 79 11.23 24.59 26.38
CA ASN B 79 10.59 25.73 27.04
C ASN B 79 11.58 26.81 27.46
N LYS B 80 12.84 26.43 27.60
CA LYS B 80 13.96 27.29 27.98
C LYS B 80 14.39 28.23 26.82
N HIS B 81 14.02 27.93 25.56
CA HIS B 81 14.41 28.74 24.38
C HIS B 81 13.19 29.12 23.51
N PHE B 82 13.28 30.29 22.84
CA PHE B 82 12.23 30.91 22.00
C PHE B 82 12.71 31.04 20.56
N LYS B 83 14.01 31.35 20.38
CA LYS B 83 14.67 31.49 19.08
C LYS B 83 15.47 30.23 18.74
N SER B 84 15.54 29.86 17.45
CA SER B 84 16.26 28.69 16.93
C SER B 84 17.75 28.88 17.00
N ASN B 85 18.49 27.79 17.21
CA ASN B 85 19.95 27.85 17.26
C ASN B 85 20.52 27.87 15.82
N LYS B 86 20.40 29.04 15.17
CA LYS B 86 20.85 29.27 13.79
C LYS B 86 22.37 29.11 13.66
N LEU B 87 23.10 29.37 14.76
CA LEU B 87 24.54 29.27 14.87
C LEU B 87 25.10 27.85 14.69
N LEU B 88 24.29 26.82 14.95
CA LEU B 88 24.71 25.43 14.72
C LEU B 88 24.63 25.11 13.23
N TYR B 89 23.50 25.54 12.57
CA TYR B 89 23.28 25.35 11.15
C TYR B 89 24.36 26.04 10.35
N LYS B 90 24.63 27.33 10.66
CA LYS B 90 25.63 28.17 10.02
C LYS B 90 27.02 27.54 10.13
N HIS B 91 27.38 27.01 11.31
CA HIS B 91 28.65 26.35 11.54
C HIS B 91 28.82 25.15 10.60
N ILE B 92 27.73 24.39 10.36
CA ILE B 92 27.68 23.24 9.45
C ILE B 92 27.81 23.70 7.96
N SER B 93 27.10 24.78 7.55
CA SER B 93 27.15 25.38 6.20
C SER B 93 28.55 25.90 5.89
N GLU B 94 29.24 26.46 6.90
CA GLU B 94 30.59 27.00 6.79
C GLU B 94 31.61 25.88 6.61
N ARG B 95 31.33 24.67 7.14
CA ARG B 95 32.23 23.53 7.01
C ARG B 95 32.26 23.06 5.54
N LEU B 96 31.08 23.09 4.88
CA LEU B 96 30.85 22.68 3.50
C LEU B 96 30.81 23.90 2.55
N LYS B 97 31.63 24.92 2.83
CA LYS B 97 31.70 26.17 2.08
C LYS B 97 32.45 26.02 0.74
N ASN B 98 33.74 25.60 0.78
CA ASN B 98 34.58 25.42 -0.39
C ASN B 98 34.58 23.98 -0.90
N THR B 99 33.40 23.36 -0.96
CA THR B 99 33.26 21.98 -1.39
C THR B 99 32.75 21.85 -2.82
N ILE B 100 32.76 20.61 -3.32
CA ILE B 100 32.26 20.18 -4.62
C ILE B 100 31.55 18.86 -4.38
N GLU B 101 30.31 18.73 -4.84
CA GLU B 101 29.50 17.54 -4.62
C GLU B 101 29.72 16.44 -5.67
N ILE B 102 29.99 15.21 -5.18
CA ILE B 102 30.17 13.99 -5.97
C ILE B 102 29.20 12.95 -5.38
N GLU B 103 28.13 12.66 -6.13
CA GLU B 103 27.08 11.74 -5.70
C GLU B 103 27.45 10.26 -5.88
N GLU B 104 26.62 9.38 -5.31
CA GLU B 104 26.71 7.92 -5.39
C GLU B 104 25.29 7.43 -5.72
N SER B 105 24.27 8.12 -5.14
CA SER B 105 22.83 7.88 -5.31
C SER B 105 22.09 9.24 -5.38
N LYS B 106 20.78 9.25 -5.04
CA LYS B 106 19.94 10.46 -4.99
C LYS B 106 20.40 11.31 -3.79
N GLY B 107 20.31 10.73 -2.59
CA GLY B 107 20.69 11.38 -1.34
C GLY B 107 22.17 11.31 -1.02
N ILE B 108 22.79 10.12 -1.23
CA ILE B 108 24.21 9.84 -0.98
C ILE B 108 25.13 10.76 -1.81
N SER B 109 26.06 11.46 -1.13
CA SER B 109 27.01 12.41 -1.72
C SER B 109 28.26 12.59 -0.84
N ARG B 110 29.41 12.87 -1.48
CA ARG B 110 30.71 13.10 -0.84
C ARG B 110 31.19 14.49 -1.19
N TYR B 111 31.77 15.20 -0.20
CA TYR B 111 32.22 16.57 -0.39
C TYR B 111 33.71 16.74 -0.14
N PHE B 112 34.39 17.36 -1.10
CA PHE B 112 35.83 17.56 -1.04
C PHE B 112 36.15 19.03 -1.16
N ASP B 113 37.09 19.50 -0.31
CA ASP B 113 37.56 20.88 -0.27
C ASP B 113 38.27 21.23 -1.57
N ILE B 114 37.87 22.35 -2.21
CA ILE B 114 38.43 22.83 -3.48
C ILE B 114 39.91 23.25 -3.38
N THR B 115 40.29 23.86 -2.24
CA THR B 115 41.64 24.37 -2.05
C THR B 115 42.65 23.33 -1.51
N THR B 116 42.18 22.13 -1.09
CA THR B 116 43.04 21.05 -0.56
C THR B 116 42.82 19.64 -1.16
N ARG B 117 41.60 19.35 -1.59
CA ARG B 117 41.27 18.05 -2.18
C ARG B 117 41.08 16.95 -1.15
N THR B 118 40.95 17.34 0.13
CA THR B 118 40.73 16.46 1.29
C THR B 118 39.28 16.02 1.33
N TYR B 119 39.02 14.79 1.84
CA TYR B 119 37.68 14.27 2.05
C TYR B 119 37.18 14.93 3.32
N ILE B 120 36.10 15.72 3.21
CA ILE B 120 35.56 16.49 4.34
C ILE B 120 34.26 15.91 4.91
N ALA B 121 33.27 15.67 4.05
CA ALA B 121 31.98 15.16 4.51
C ALA B 121 31.28 14.16 3.60
N TYR B 122 30.56 13.24 4.24
CA TYR B 122 29.73 12.21 3.63
C TYR B 122 28.30 12.51 4.10
N ILE B 123 27.39 12.75 3.14
CA ILE B 123 25.98 13.04 3.44
C ILE B 123 25.05 12.02 2.77
N ARG B 124 24.22 11.34 3.57
CA ARG B 124 23.25 10.36 3.12
C ARG B 124 21.85 10.85 3.52
N LYS B 125 20.99 11.15 2.51
CA LYS B 125 19.61 11.61 2.71
C LYS B 125 18.61 10.50 2.35
N SER B 126 17.53 10.35 3.16
CA SER B 126 16.48 9.32 3.02
C SER B 126 15.12 9.88 3.48
N LYS B 127 14.43 10.62 2.56
CA LYS B 127 13.12 11.28 2.71
C LYS B 127 12.96 12.27 3.89
N SER B 128 13.05 11.77 5.14
CA SER B 128 12.96 12.55 6.38
C SER B 128 14.31 12.60 7.10
N GLU B 129 15.10 11.50 7.01
CA GLU B 129 16.41 11.32 7.65
C GLU B 129 17.59 11.82 6.83
N LYS B 130 18.56 12.46 7.51
CA LYS B 130 19.81 12.95 6.93
C LYS B 130 20.92 12.79 7.95
N VAL B 131 22.04 12.25 7.50
CA VAL B 131 23.22 12.02 8.32
C VAL B 131 24.41 12.68 7.65
N ILE B 132 25.13 13.53 8.40
CA ILE B 132 26.29 14.26 7.90
C ILE B 132 27.50 13.79 8.70
N ASP B 133 28.44 13.10 8.03
CA ASP B 133 29.68 12.60 8.64
C ASP B 133 30.81 13.50 8.27
N PHE B 134 31.50 14.04 9.28
CA PHE B 134 32.64 14.92 9.07
C PHE B 134 33.96 14.20 9.34
N PHE B 135 34.94 14.47 8.49
CA PHE B 135 36.25 13.83 8.52
C PHE B 135 37.39 14.83 8.73
N LYS B 136 38.47 14.36 9.37
CA LYS B 136 39.70 15.14 9.58
C LYS B 136 40.86 14.20 9.27
N ASP B 137 41.70 14.60 8.30
CA ASP B 137 42.86 13.86 7.79
C ASP B 137 42.43 12.44 7.36
N ASN B 138 41.31 12.39 6.59
CA ASN B 138 40.63 11.21 6.03
C ASN B 138 40.00 10.22 7.04
N LYS B 139 39.73 10.71 8.27
CA LYS B 139 39.08 9.89 9.30
C LYS B 139 37.90 10.59 9.99
N ARG B 140 36.74 9.89 10.02
CA ARG B 140 35.45 10.34 10.58
C ARG B 140 35.57 10.72 12.06
N ILE B 141 35.34 12.00 12.37
CA ILE B 141 35.42 12.55 13.74
C ILE B 141 34.06 12.85 14.35
N GLU B 142 33.08 13.25 13.52
CA GLU B 142 31.73 13.57 13.99
C GLU B 142 30.59 13.20 13.04
N ARG B 143 29.36 13.22 13.56
CA ARG B 143 28.15 12.91 12.81
C ARG B 143 26.95 13.67 13.33
N PHE B 144 26.30 14.41 12.45
CA PHE B 144 25.10 15.15 12.75
C PHE B 144 23.92 14.45 12.13
N SER B 145 22.96 14.03 12.98
CA SER B 145 21.74 13.33 12.56
C SER B 145 20.55 14.30 12.50
N PHE B 146 19.78 14.26 11.41
CA PHE B 146 18.65 15.14 11.16
C PHE B 146 17.36 14.39 10.85
N ILE B 147 16.22 14.98 11.24
CA ILE B 147 14.85 14.56 10.94
C ILE B 147 14.13 15.85 10.51
N ASP B 148 13.69 15.90 9.24
CA ASP B 148 13.01 17.02 8.60
C ASP B 148 13.89 18.27 8.49
N ASN B 149 15.20 18.03 8.29
CA ASN B 149 16.28 19.03 8.18
C ASN B 149 16.70 19.69 9.50
N LYS B 150 16.13 19.21 10.62
CA LYS B 150 16.46 19.67 11.96
C LYS B 150 17.38 18.68 12.63
N VAL B 151 18.50 19.19 13.18
CA VAL B 151 19.50 18.40 13.90
C VAL B 151 18.92 18.00 15.26
N HIS B 152 19.07 16.71 15.61
CA HIS B 152 18.60 16.13 16.86
C HIS B 152 19.74 15.42 17.64
N MET B 153 20.78 14.97 16.93
CA MET B 153 21.92 14.28 17.54
C MET B 153 23.25 14.60 16.86
N LYS B 154 24.30 14.73 17.68
CA LYS B 154 25.68 14.83 17.26
C LYS B 154 26.43 13.70 17.98
N GLU B 155 27.18 12.91 17.20
CA GLU B 155 28.02 11.83 17.70
C GLU B 155 29.47 12.12 17.40
N THR B 156 30.34 11.89 18.38
CA THR B 156 31.78 12.05 18.28
C THR B 156 32.39 10.66 18.16
N PHE B 157 33.30 10.49 17.20
CA PHE B 157 33.99 9.22 16.91
C PHE B 157 35.45 9.28 17.35
N ASN B 158 36.08 8.11 17.53
CA ASN B 158 37.48 7.99 17.95
C ASN B 158 38.37 7.59 16.77
N VAL B 159 39.65 7.21 17.05
CA VAL B 159 40.62 6.76 16.05
C VAL B 159 40.20 5.44 15.36
N ASP B 160 39.50 4.54 16.10
CA ASP B 160 39.00 3.25 15.60
C ASP B 160 37.60 3.36 14.93
N ASN B 161 37.08 4.60 14.79
CA ASN B 161 35.78 4.95 14.16
C ASN B 161 34.51 4.48 14.91
N LYS B 162 34.59 4.34 16.25
CA LYS B 162 33.44 3.96 17.11
C LYS B 162 32.98 5.23 17.85
N VAL B 163 31.67 5.32 18.17
CA VAL B 163 31.08 6.47 18.89
C VAL B 163 31.65 6.53 20.30
N CYS B 164 32.17 7.69 20.70
CA CYS B 164 32.73 7.87 22.03
C CYS B 164 31.99 8.94 22.82
N TYR B 165 31.09 9.71 22.16
CA TYR B 165 30.35 10.80 22.80
C TYR B 165 29.09 11.19 21.98
N GLN B 166 27.99 11.48 22.67
CA GLN B 166 26.71 11.87 22.04
C GLN B 166 26.15 13.14 22.67
N VAL B 167 25.46 13.94 21.85
CA VAL B 167 24.81 15.19 22.25
C VAL B 167 23.44 15.15 21.66
N PHE B 168 22.43 15.55 22.45
CA PHE B 168 21.03 15.56 21.98
C PHE B 168 20.59 16.98 22.00
N TYR B 169 19.99 17.43 20.90
CA TYR B 169 19.53 18.79 20.59
C TYR B 169 18.03 18.82 20.56
N ASP B 170 17.48 19.89 21.11
CA ASP B 170 16.04 20.07 21.23
C ASP B 170 15.39 20.51 19.90
N GLU B 171 14.08 20.77 19.92
CA GLU B 171 13.25 21.24 18.81
C GLU B 171 13.82 22.51 18.15
N LYS B 172 14.55 23.34 18.93
CA LYS B 172 15.15 24.63 18.50
C LYS B 172 16.68 24.54 18.20
N GLY B 173 17.22 23.32 18.17
CA GLY B 173 18.61 23.05 17.86
C GLY B 173 19.59 23.30 18.99
N TYR B 174 19.08 23.27 20.24
CA TYR B 174 19.88 23.51 21.45
C TYR B 174 20.26 22.23 22.19
N PRO B 175 21.56 22.00 22.46
CA PRO B 175 21.96 20.77 23.20
C PRO B 175 21.43 20.74 24.64
N TYR B 176 20.74 19.62 25.05
CA TYR B 176 20.17 19.51 26.42
C TYR B 176 20.81 18.40 27.26
N ILE B 177 21.36 17.39 26.58
CA ILE B 177 22.02 16.27 27.23
C ILE B 177 23.24 15.97 26.42
N SER B 178 24.33 15.64 27.10
CA SER B 178 25.57 15.19 26.49
C SER B 178 26.06 13.97 27.29
N ARG B 179 26.76 13.03 26.63
CA ARG B 179 27.23 11.85 27.31
C ARG B 179 28.40 11.15 26.64
N ASN B 180 29.18 10.42 27.46
CA ASN B 180 30.32 9.60 27.05
C ASN B 180 29.90 8.17 26.81
N ILE B 181 30.45 7.57 25.76
CA ILE B 181 30.16 6.20 25.35
C ILE B 181 31.47 5.42 25.37
N ASN B 182 31.50 4.24 26.04
CA ASN B 182 32.70 3.43 26.05
C ASN B 182 32.72 2.73 24.69
N ALA B 183 33.60 3.18 23.79
CA ALA B 183 33.75 2.70 22.42
C ALA B 183 33.64 1.17 22.23
N ASN B 184 34.46 0.40 23.00
CA ASN B 184 34.51 -1.07 22.96
C ASN B 184 33.15 -1.78 23.07
N ASN B 185 32.35 -1.50 24.13
CA ASN B 185 31.04 -2.16 24.34
C ASN B 185 29.82 -1.32 23.91
N GLY B 186 29.94 0.00 24.00
CA GLY B 186 28.88 0.96 23.67
C GLY B 186 28.09 1.39 24.88
N ALA B 187 28.64 1.14 26.09
CA ALA B 187 28.05 1.47 27.38
C ALA B 187 28.01 2.98 27.65
N VAL B 188 26.90 3.45 28.24
CA VAL B 188 26.68 4.88 28.54
C VAL B 188 27.46 5.23 29.80
N GLY B 189 28.44 6.10 29.65
CA GLY B 189 29.29 6.57 30.74
C GLY B 189 28.72 7.84 31.35
N LYS B 190 29.59 8.78 31.78
CA LYS B 190 29.13 10.03 32.42
C LYS B 190 28.07 10.72 31.52
N THR B 191 26.94 11.19 32.13
CA THR B 191 25.89 11.95 31.39
C THR B 191 25.72 13.36 31.98
N TYR B 192 25.87 14.39 31.12
CA TYR B 192 25.73 15.78 31.52
C TYR B 192 24.38 16.30 31.05
N VAL B 193 23.49 16.66 31.99
CA VAL B 193 22.21 17.25 31.61
C VAL B 193 22.43 18.77 31.57
N LEU B 194 22.74 19.28 30.36
CA LEU B 194 23.06 20.69 30.08
C LEU B 194 22.04 21.67 30.56
N VAL B 195 20.75 21.28 30.51
CA VAL B 195 19.64 22.11 30.99
C VAL B 195 19.83 22.46 32.49
N ASN B 196 20.13 21.45 33.33
CA ASN B 196 20.30 21.56 34.79
C ASN B 196 21.76 21.65 35.32
N LYS B 197 22.78 21.58 34.43
CA LYS B 197 24.22 21.55 34.81
C LYS B 197 24.52 20.47 35.90
N LYS B 198 23.85 19.30 35.77
CA LYS B 198 23.92 18.14 36.66
C LYS B 198 24.51 16.95 35.93
N GLU B 199 25.60 16.38 36.48
CA GLU B 199 26.28 15.19 35.93
C GLU B 199 25.94 13.96 36.78
N PHE B 200 25.71 12.86 36.06
CA PHE B 200 25.34 11.55 36.55
C PHE B 200 26.40 10.55 36.06
N LYS B 201 26.83 9.62 36.96
CA LYS B 201 27.81 8.55 36.72
C LYS B 201 27.59 7.78 35.40
N ASN B 202 26.32 7.39 35.12
CA ASN B 202 25.85 6.63 33.94
C ASN B 202 24.32 6.80 33.72
N ASN B 203 23.75 6.03 32.76
CA ASN B 203 22.32 6.03 32.41
C ASN B 203 21.43 5.63 33.59
N LEU B 204 21.88 4.70 34.42
CA LEU B 204 21.20 4.25 35.63
C LEU B 204 20.89 5.43 36.57
N ALA B 205 21.92 6.20 36.90
CA ALA B 205 21.87 7.38 37.77
C ALA B 205 20.89 8.46 37.26
N LEU B 206 20.93 8.71 35.95
CA LEU B 206 20.06 9.64 35.22
C LEU B 206 18.61 9.22 35.35
N CYS B 207 18.32 7.95 35.00
CA CYS B 207 16.98 7.37 35.02
C CYS B 207 16.41 7.24 36.43
N VAL B 208 17.26 7.00 37.45
CA VAL B 208 16.87 6.95 38.87
C VAL B 208 16.29 8.32 39.30
N TYR B 209 17.02 9.42 39.01
CA TYR B 209 16.59 10.78 39.29
C TYR B 209 15.31 11.10 38.53
N TYR B 210 15.26 10.73 37.24
CA TYR B 210 14.10 10.95 36.37
C TYR B 210 12.84 10.27 36.92
N LEU B 211 12.95 9.02 37.41
CA LEU B 211 11.79 8.30 37.97
C LEU B 211 11.32 8.95 39.25
N GLU B 212 12.29 9.44 40.07
CA GLU B 212 12.05 10.16 41.33
C GLU B 212 11.34 11.49 41.06
N LYS B 213 11.55 12.06 39.85
CA LYS B 213 10.96 13.31 39.36
C LYS B 213 9.59 13.11 38.66
N LEU B 214 9.46 12.02 37.87
CA LEU B 214 8.24 11.68 37.12
C LEU B 214 7.14 11.14 38.01
N ILE B 215 7.50 10.23 38.92
CA ILE B 215 6.58 9.54 39.80
C ILE B 215 6.51 10.11 41.20
N LYS B 216 5.29 10.54 41.58
CA LYS B 216 4.89 11.06 42.89
C LYS B 216 5.02 9.90 43.91
N ASP B 217 5.52 10.20 45.12
CA ASP B 217 5.68 9.23 46.20
C ASP B 217 4.35 9.11 46.97
N SER B 218 3.35 8.54 46.27
CA SER B 218 1.99 8.30 46.75
C SER B 218 1.78 6.81 46.71
N LYS B 219 0.94 6.29 47.62
CA LYS B 219 0.59 4.87 47.66
C LYS B 219 -0.28 4.52 46.43
N ASP B 220 -1.07 5.51 45.95
CA ASP B 220 -1.90 5.42 44.75
C ASP B 220 -1.06 5.86 43.51
N SER B 221 0.20 5.37 43.44
CA SER B 221 1.22 5.51 42.39
C SER B 221 2.01 4.18 42.38
N ILE B 222 1.87 3.40 41.30
CA ILE B 222 2.45 2.06 41.17
C ILE B 222 3.50 1.96 40.05
N MET B 223 4.64 1.30 40.32
CA MET B 223 5.73 1.03 39.39
C MET B 223 5.78 -0.48 39.10
N ILE B 224 5.56 -0.86 37.83
CA ILE B 224 5.65 -2.23 37.35
C ILE B 224 6.86 -2.26 36.40
N CYS B 225 7.88 -3.05 36.71
CA CYS B 225 9.06 -3.17 35.86
C CYS B 225 9.08 -4.50 35.10
N ASP B 226 8.92 -4.41 33.77
CA ASP B 226 8.90 -5.49 32.80
C ASP B 226 10.29 -5.75 32.23
N GLY B 227 11.02 -4.70 31.85
CA GLY B 227 12.39 -4.81 31.32
C GLY B 227 13.36 -5.26 32.40
N PRO B 228 13.90 -6.51 32.34
CA PRO B 228 14.79 -6.98 33.42
C PRO B 228 16.06 -6.18 33.66
N GLY B 229 16.63 -5.62 32.59
CA GLY B 229 17.85 -4.82 32.65
C GLY B 229 17.63 -3.44 33.24
N SER B 230 16.37 -2.98 33.25
CA SER B 230 15.99 -1.68 33.76
C SER B 230 15.28 -1.79 35.13
N PHE B 231 15.43 -2.95 35.79
CA PHE B 231 14.91 -3.22 37.14
C PHE B 231 15.70 -2.39 38.15
N PRO B 232 17.08 -2.29 38.08
CA PRO B 232 17.82 -1.42 39.01
C PRO B 232 17.35 0.03 39.00
N LYS B 233 16.79 0.49 37.87
CA LYS B 233 16.29 1.87 37.74
C LYS B 233 15.07 2.07 38.67
N MET B 234 14.19 1.07 38.78
CA MET B 234 13.02 1.13 39.66
C MET B 234 13.45 0.84 41.12
N PHE B 235 14.24 -0.23 41.29
CA PHE B 235 14.75 -0.69 42.57
C PHE B 235 15.50 0.40 43.35
N ASN B 236 16.49 1.06 42.71
CA ASN B 236 17.32 2.13 43.33
C ASN B 236 16.67 3.47 43.62
N THR B 237 15.42 3.73 43.19
CA THR B 237 14.76 5.02 43.46
C THR B 237 14.50 5.22 44.94
N ASN B 238 14.48 6.48 45.39
CA ASN B 238 14.26 6.87 46.77
C ASN B 238 12.82 6.65 47.29
N HIS B 239 11.91 6.25 46.40
CA HIS B 239 10.49 5.95 46.65
C HIS B 239 10.24 5.00 47.83
N LYS B 240 9.52 5.49 48.84
CA LYS B 240 9.23 4.71 50.02
C LYS B 240 7.72 4.58 50.32
N ASN B 241 6.88 5.15 49.43
CA ASN B 241 5.41 5.12 49.48
C ASN B 241 4.90 4.36 48.27
N ALA B 242 5.42 4.72 47.07
CA ALA B 242 5.09 4.13 45.77
C ALA B 242 5.32 2.64 45.79
N GLN B 243 4.56 1.92 44.95
CA GLN B 243 4.63 0.48 44.89
C GLN B 243 5.61 0.07 43.81
N LYS B 244 6.48 -0.91 44.11
CA LYS B 244 7.50 -1.45 43.20
C LYS B 244 7.26 -2.96 42.96
N TYR B 245 7.00 -3.32 41.70
CA TYR B 245 6.79 -4.68 41.21
C TYR B 245 7.73 -5.05 40.08
N GLY B 246 8.14 -6.30 40.03
CA GLY B 246 8.98 -6.84 38.96
C GLY B 246 8.27 -7.96 38.24
N VAL B 247 8.21 -7.90 36.89
CA VAL B 247 7.60 -8.98 36.13
C VAL B 247 8.72 -9.73 35.41
N ILE B 248 8.72 -11.04 35.55
CA ILE B 248 9.66 -11.90 34.90
C ILE B 248 8.83 -12.54 33.80
N HIS B 249 9.27 -12.34 32.55
CA HIS B 249 8.59 -12.78 31.33
C HIS B 249 9.22 -14.02 30.71
N VAL B 250 10.34 -14.48 31.28
CA VAL B 250 11.11 -15.61 30.74
C VAL B 250 11.36 -16.68 31.79
N ASN B 251 11.90 -17.82 31.36
CA ASN B 251 12.33 -18.87 32.27
C ASN B 251 13.61 -18.28 32.93
N HIS B 252 13.69 -18.36 34.26
CA HIS B 252 14.81 -17.79 35.01
C HIS B 252 16.15 -18.52 34.95
N HIS B 253 16.18 -19.79 34.49
CA HIS B 253 17.44 -20.54 34.36
C HIS B 253 18.11 -20.09 33.07
N GLU B 254 19.46 -20.10 33.02
CA GLU B 254 20.24 -19.70 31.84
C GLU B 254 19.96 -20.60 30.64
N ASN B 255 19.83 -19.98 29.45
CA ASN B 255 19.58 -20.64 28.18
C ASN B 255 20.74 -21.51 27.75
N PHE B 256 20.44 -22.71 27.21
CA PHE B 256 21.42 -23.71 26.72
C PHE B 256 22.53 -23.92 27.78
N ASP B 257 22.13 -24.11 29.04
CA ASP B 257 23.06 -24.27 30.14
C ASP B 257 22.84 -25.57 30.85
N ASP B 258 23.93 -26.34 31.01
CA ASP B 258 23.97 -27.66 31.63
C ASP B 258 24.56 -27.59 33.05
N THR B 259 25.03 -26.39 33.44
CA THR B 259 25.62 -26.17 34.76
C THR B 259 24.53 -25.91 35.81
N GLY B 260 23.36 -25.42 35.36
CA GLY B 260 22.24 -25.10 36.23
C GLY B 260 22.41 -23.75 36.90
N ALA B 261 22.80 -22.74 36.08
CA ALA B 261 23.01 -21.34 36.48
C ALA B 261 21.79 -20.49 36.04
N PHE B 262 21.47 -19.44 36.81
CA PHE B 262 20.31 -18.57 36.56
C PHE B 262 20.67 -17.32 35.74
N LYS B 263 19.67 -16.80 34.99
CA LYS B 263 19.79 -15.57 34.22
C LYS B 263 20.08 -14.44 35.21
N LYS B 264 21.23 -13.76 35.04
CA LYS B 264 21.75 -12.72 35.93
C LYS B 264 20.78 -11.62 36.34
N SER B 265 20.11 -10.97 35.35
CA SER B 265 19.14 -9.89 35.60
C SER B 265 17.95 -10.43 36.35
N GLU B 266 17.47 -11.64 35.98
CA GLU B 266 16.33 -12.29 36.64
C GLU B 266 16.69 -12.75 38.06
N LYS B 267 17.89 -13.32 38.27
CA LYS B 267 18.44 -13.74 39.57
C LYS B 267 18.32 -12.59 40.58
N TYR B 268 18.76 -11.38 40.18
CA TYR B 268 18.73 -10.14 40.97
C TYR B 268 17.30 -9.69 41.28
N ILE B 269 16.41 -9.65 40.26
CA ILE B 269 14.98 -9.32 40.42
C ILE B 269 14.40 -10.23 41.53
N ILE B 270 14.60 -11.56 41.36
CA ILE B 270 14.15 -12.61 42.27
C ILE B 270 14.65 -12.44 43.69
N GLU B 271 16.00 -12.33 43.87
CA GLU B 271 16.66 -12.20 45.17
C GLU B 271 16.11 -11.03 45.99
N ASN B 272 15.67 -9.97 45.28
CA ASN B 272 15.16 -8.74 45.88
C ASN B 272 13.64 -8.64 45.94
N ALA B 273 12.94 -9.78 45.82
CA ALA B 273 11.47 -9.85 45.85
C ALA B 273 10.88 -9.39 47.17
N ASN B 274 11.52 -9.78 48.30
CA ASN B 274 11.06 -9.41 49.65
C ASN B 274 11.26 -7.94 49.95
N LYS B 275 12.26 -7.31 49.28
CA LYS B 275 12.61 -5.89 49.44
C LYS B 275 11.72 -4.93 48.61
N ILE B 276 10.77 -5.48 47.84
CA ILE B 276 9.78 -4.73 47.03
C ILE B 276 8.37 -5.31 47.25
N ASN B 277 7.32 -4.68 46.64
CA ASN B 277 5.91 -5.07 46.75
C ASN B 277 5.57 -6.47 46.21
N GLY B 278 6.46 -7.01 45.38
CA GLY B 278 6.34 -8.36 44.83
C GLY B 278 6.97 -8.55 43.46
N VAL B 279 7.24 -9.82 43.11
CA VAL B 279 7.78 -10.23 41.82
C VAL B 279 6.79 -11.22 41.17
N ILE B 280 6.32 -10.85 39.97
CA ILE B 280 5.37 -11.61 39.17
C ILE B 280 6.07 -12.54 38.17
N VAL B 281 5.52 -13.78 38.07
CA VAL B 281 5.92 -14.83 37.14
C VAL B 281 4.64 -15.28 36.44
N LEU B 282 4.76 -15.67 35.18
CA LEU B 282 3.59 -16.00 34.36
C LEU B 282 2.81 -17.30 34.62
N THR B 283 3.49 -18.36 35.12
CA THR B 283 2.87 -19.70 35.37
C THR B 283 3.18 -20.16 36.80
N GLU B 284 2.28 -21.00 37.37
CA GLU B 284 2.43 -21.55 38.74
C GLU B 284 3.67 -22.42 38.92
N ALA B 285 4.02 -23.18 37.87
CA ALA B 285 5.21 -24.02 37.81
C ALA B 285 6.50 -23.18 38.04
N GLN B 286 6.56 -21.96 37.47
CA GLN B 286 7.72 -21.08 37.67
C GLN B 286 7.83 -20.63 39.12
N ARG B 287 6.71 -20.17 39.69
CA ARG B 287 6.61 -19.70 41.07
C ARG B 287 7.07 -20.79 42.05
N LEU B 288 6.49 -22.02 41.93
CA LEU B 288 6.82 -23.18 42.75
C LEU B 288 8.33 -23.44 42.71
N ASP B 289 8.90 -23.54 41.47
CA ASP B 289 10.35 -23.74 41.26
C ASP B 289 11.16 -22.65 42.01
N ILE B 290 10.85 -21.36 41.75
CA ILE B 290 11.53 -20.21 42.38
C ILE B 290 11.56 -20.34 43.90
N LEU B 291 10.41 -20.69 44.51
CA LEU B 291 10.28 -20.84 45.96
C LEU B 291 11.20 -21.93 46.58
N ASN B 292 11.53 -22.97 45.80
CA ASN B 292 12.39 -24.08 46.22
C ASN B 292 13.84 -23.85 45.86
N GLN B 293 14.10 -22.84 45.02
CA GLN B 293 15.45 -22.49 44.58
C GLN B 293 15.98 -21.26 45.28
N PHE B 294 15.11 -20.45 45.90
CA PHE B 294 15.53 -19.21 46.55
C PHE B 294 14.90 -19.00 47.91
N ASP B 295 15.62 -18.30 48.80
CA ASP B 295 15.13 -17.96 50.14
C ASP B 295 14.30 -16.66 50.10
N VAL B 296 13.16 -16.70 49.37
CA VAL B 296 12.23 -15.56 49.21
C VAL B 296 10.80 -16.03 49.21
N GLU B 297 9.89 -15.20 49.74
CA GLU B 297 8.47 -15.60 49.75
C GLU B 297 7.59 -14.78 48.81
N ASN B 298 7.95 -13.50 48.56
CA ASN B 298 7.22 -12.52 47.75
C ASN B 298 7.21 -12.74 46.21
N ILE B 299 6.78 -13.93 45.78
CA ILE B 299 6.67 -14.30 44.37
C ILE B 299 5.21 -14.54 44.10
N PHE B 300 4.69 -13.95 43.02
CA PHE B 300 3.28 -14.06 42.65
C PHE B 300 3.06 -14.52 41.23
N THR B 301 2.03 -15.35 41.03
CA THR B 301 1.66 -15.84 39.71
C THR B 301 0.51 -15.05 39.20
N ILE B 302 0.77 -14.32 38.13
CA ILE B 302 -0.23 -13.59 37.38
C ILE B 302 0.11 -13.81 35.94
N SER B 303 -0.79 -14.47 35.24
CA SER B 303 -0.72 -14.77 33.82
C SER B 303 -0.79 -13.44 33.04
N ASN B 304 -0.11 -13.36 31.88
CA ASN B 304 -0.21 -12.20 31.00
C ASN B 304 -1.71 -12.15 30.59
N PHE B 305 -2.26 -10.94 30.48
CA PHE B 305 -3.63 -10.73 30.01
C PHE B 305 -3.71 -11.21 28.55
N VAL B 306 -4.80 -11.86 28.20
CA VAL B 306 -4.96 -12.37 26.85
C VAL B 306 -6.01 -11.59 26.06
N LYS B 307 -5.71 -11.27 24.77
CA LYS B 307 -6.67 -10.59 23.90
C LYS B 307 -7.70 -11.58 23.36
N ILE B 308 -8.86 -11.70 24.02
CA ILE B 308 -9.86 -12.60 23.49
C ILE B 308 -10.69 -11.95 22.36
N HIS B 309 -10.08 -11.90 21.16
CA HIS B 309 -10.67 -11.40 19.91
C HIS B 309 -11.63 -12.48 19.42
N ASN B 310 -12.63 -12.12 18.59
CA ASN B 310 -13.54 -13.11 18.05
C ASN B 310 -12.77 -14.06 17.12
N ALA B 311 -13.14 -15.34 17.15
CA ALA B 311 -12.50 -16.40 16.37
C ALA B 311 -12.72 -16.22 14.85
N PRO B 312 -11.75 -16.68 14.00
CA PRO B 312 -11.96 -16.60 12.54
C PRO B 312 -13.24 -17.34 12.15
N LYS B 313 -13.94 -16.77 11.16
CA LYS B 313 -15.20 -17.29 10.64
C LYS B 313 -15.02 -18.71 10.13
N HIS B 314 -13.95 -18.95 9.39
CA HIS B 314 -13.65 -20.23 8.78
C HIS B 314 -12.35 -20.84 9.27
N PHE B 315 -12.33 -22.17 9.37
CA PHE B 315 -11.16 -22.95 9.74
C PHE B 315 -10.32 -23.15 8.48
N GLN B 316 -8.99 -23.26 8.60
CA GLN B 316 -8.21 -23.51 7.39
C GLN B 316 -8.08 -25.01 7.19
N THR B 317 -8.82 -25.52 6.20
CA THR B 317 -8.86 -26.94 5.81
C THR B 317 -7.53 -27.36 5.19
N GLU B 318 -6.91 -26.45 4.43
CA GLU B 318 -5.61 -26.66 3.78
C GLU B 318 -4.53 -26.99 4.82
N LYS B 319 -3.58 -27.84 4.43
CA LYS B 319 -2.49 -28.31 5.28
C LYS B 319 -1.43 -27.23 5.51
N ILE B 320 -1.79 -26.14 6.23
CA ILE B 320 -0.89 -25.03 6.56
C ILE B 320 -0.58 -25.00 8.07
N VAL B 321 0.72 -25.12 8.42
CA VAL B 321 1.21 -25.09 9.80
C VAL B 321 1.85 -23.72 10.01
N GLY B 322 1.47 -23.05 11.10
CA GLY B 322 1.97 -21.72 11.39
C GLY B 322 2.90 -21.58 12.56
N HIS B 323 3.82 -20.61 12.45
CA HIS B 323 4.80 -20.28 13.48
C HIS B 323 5.06 -18.77 13.43
N ILE B 324 4.60 -18.05 14.48
CA ILE B 324 4.77 -16.60 14.59
C ILE B 324 5.57 -16.29 15.85
N SER B 325 6.81 -15.82 15.69
CA SER B 325 7.69 -15.47 16.81
C SER B 325 8.83 -14.60 16.31
N ARG B 326 9.71 -14.19 17.25
CA ARG B 326 10.95 -13.51 16.89
C ARG B 326 11.91 -14.66 16.49
N MET B 327 12.64 -14.52 15.36
CA MET B 327 13.59 -15.55 14.93
C MET B 327 14.91 -15.46 15.72
N VAL B 328 14.95 -16.16 16.86
CA VAL B 328 16.09 -16.19 17.77
C VAL B 328 16.44 -17.64 18.15
N PRO B 329 17.64 -17.92 18.73
CA PRO B 329 17.98 -19.31 19.06
C PRO B 329 17.08 -20.10 20.02
N THR B 330 16.51 -19.47 21.09
CA THR B 330 15.64 -20.16 22.09
C THR B 330 14.35 -20.80 21.51
N LYS B 331 13.84 -20.21 20.40
CA LYS B 331 12.63 -20.63 19.65
C LYS B 331 12.86 -21.95 18.91
N ARG B 332 14.15 -22.28 18.69
CA ARG B 332 14.67 -23.46 18.02
C ARG B 332 14.01 -23.68 16.68
N ILE B 333 14.09 -22.68 15.80
CA ILE B 333 13.53 -22.79 14.46
C ILE B 333 14.26 -23.88 13.64
N ASP B 334 15.50 -24.24 14.07
CA ASP B 334 16.30 -25.33 13.49
C ASP B 334 15.57 -26.66 13.70
N LEU B 335 14.98 -26.86 14.92
CA LEU B 335 14.21 -28.07 15.25
C LEU B 335 12.90 -28.13 14.48
N LEU B 336 12.27 -26.97 14.21
CA LEU B 336 11.05 -26.85 13.43
C LEU B 336 11.36 -27.24 11.98
N ILE B 337 12.55 -26.83 11.45
CA ILE B 337 12.99 -27.22 10.10
C ILE B 337 13.22 -28.76 10.07
N GLU B 338 13.87 -29.33 11.12
CA GLU B 338 14.13 -30.77 11.25
C GLU B 338 12.83 -31.59 11.33
N VAL B 339 11.76 -30.99 11.91
CA VAL B 339 10.42 -31.56 12.03
C VAL B 339 9.72 -31.45 10.68
N ALA B 340 9.80 -30.26 10.02
CA ALA B 340 9.23 -29.97 8.70
C ALA B 340 9.71 -30.97 7.66
N GLU B 341 11.03 -31.29 7.69
CA GLU B 341 11.66 -32.27 6.81
C GLU B 341 11.03 -33.66 7.02
N LEU B 342 10.75 -34.05 8.28
CA LEU B 342 10.11 -35.33 8.62
C LEU B 342 8.64 -35.34 8.20
N VAL B 343 7.95 -34.20 8.38
CA VAL B 343 6.54 -34.03 8.03
C VAL B 343 6.35 -34.10 6.50
N VAL B 344 7.13 -33.30 5.74
CA VAL B 344 7.04 -33.24 4.28
C VAL B 344 7.48 -34.53 3.55
N LYS B 345 8.36 -35.33 4.18
CA LYS B 345 8.85 -36.60 3.62
C LYS B 345 7.74 -37.67 3.53
N LYS B 346 6.75 -37.62 4.44
CA LYS B 346 5.60 -38.53 4.51
C LYS B 346 4.35 -37.94 3.82
N ASP B 347 4.22 -36.59 3.79
CA ASP B 347 3.13 -35.84 3.15
C ASP B 347 3.68 -34.64 2.37
N ASN B 348 3.58 -34.70 1.03
CA ASN B 348 4.05 -33.67 0.10
C ASN B 348 3.22 -32.39 0.17
N ALA B 349 1.90 -32.51 0.43
CA ALA B 349 0.92 -31.43 0.46
C ALA B 349 1.13 -30.35 1.52
N VAL B 350 1.56 -30.73 2.73
CA VAL B 350 1.76 -29.83 3.87
C VAL B 350 2.75 -28.66 3.62
N LYS B 351 2.37 -27.47 4.09
CA LYS B 351 3.16 -26.23 4.00
C LYS B 351 3.39 -25.61 5.37
N PHE B 352 4.59 -25.05 5.58
CA PHE B 352 4.99 -24.39 6.82
C PHE B 352 5.19 -22.89 6.57
N HIS B 353 4.46 -22.05 7.33
CA HIS B 353 4.51 -20.57 7.28
C HIS B 353 5.14 -20.02 8.54
N ILE B 354 6.36 -19.49 8.43
CA ILE B 354 7.09 -18.93 9.56
C ILE B 354 7.22 -17.43 9.46
N TYR B 355 6.52 -16.73 10.36
CA TYR B 355 6.50 -15.28 10.47
C TYR B 355 7.48 -14.82 11.53
N GLY B 356 8.10 -13.68 11.27
CA GLY B 356 9.08 -13.06 12.15
C GLY B 356 10.39 -12.70 11.48
N GLU B 357 11.30 -12.01 12.21
CA GLU B 357 12.62 -11.63 11.67
C GLU B 357 13.74 -11.50 12.71
N GLY B 358 14.98 -11.45 12.22
CA GLY B 358 16.14 -11.29 13.08
C GLY B 358 17.27 -12.29 12.96
N SER B 359 17.95 -12.52 14.12
CA SER B 359 19.13 -13.34 14.41
C SER B 359 19.34 -14.63 13.56
N VAL B 360 18.53 -15.69 13.79
CA VAL B 360 18.63 -16.99 13.11
C VAL B 360 18.15 -17.02 11.66
N LYS B 361 17.34 -16.02 11.23
CA LYS B 361 16.74 -15.89 9.89
C LYS B 361 17.61 -16.37 8.70
N ASP B 362 18.88 -15.94 8.63
CA ASP B 362 19.80 -16.34 7.54
C ASP B 362 20.21 -17.82 7.68
N LYS B 363 20.50 -18.26 8.94
CA LYS B 363 20.89 -19.64 9.27
C LYS B 363 19.78 -20.64 9.00
N ILE B 364 18.50 -20.20 9.09
CA ILE B 364 17.31 -21.02 8.84
C ILE B 364 16.93 -20.99 7.35
N ALA B 365 17.18 -19.84 6.66
CA ALA B 365 16.94 -19.68 5.22
C ALA B 365 17.86 -20.63 4.44
N LYS B 366 19.15 -20.69 4.82
CA LYS B 366 20.14 -21.58 4.21
C LYS B 366 19.84 -23.05 4.54
N MET B 367 19.22 -23.30 5.71
CA MET B 367 18.84 -24.63 6.19
C MET B 367 17.70 -25.26 5.34
N ILE B 368 16.78 -24.42 4.82
CA ILE B 368 15.66 -24.81 3.96
C ILE B 368 16.22 -25.27 2.59
N GLU B 369 17.28 -24.58 2.14
CA GLU B 369 18.00 -24.84 0.87
C GLU B 369 18.72 -26.19 0.90
N ASP B 370 19.44 -26.49 2.00
CA ASP B 370 20.19 -27.75 2.20
C ASP B 370 19.24 -28.94 2.19
N LYS B 371 18.14 -28.87 2.97
CA LYS B 371 17.15 -29.93 3.11
C LYS B 371 16.13 -30.00 1.95
N ASN B 372 16.26 -29.08 0.96
CA ASN B 372 15.44 -28.96 -0.26
C ASN B 372 13.94 -28.77 0.03
N LEU B 373 13.66 -27.96 1.08
CA LEU B 373 12.32 -27.66 1.59
C LEU B 373 11.78 -26.32 1.10
N GLU B 374 12.28 -25.83 -0.06
CA GLU B 374 11.89 -24.55 -0.66
C GLU B 374 10.40 -24.45 -1.02
N ARG B 375 9.85 -25.51 -1.66
CA ARG B 375 8.44 -25.58 -2.07
C ARG B 375 7.46 -25.79 -0.92
N ASN B 376 7.94 -26.17 0.29
CA ASN B 376 7.11 -26.45 1.45
C ASN B 376 7.34 -25.58 2.70
N VAL B 377 8.51 -24.91 2.82
CA VAL B 377 8.79 -24.08 3.99
C VAL B 377 9.01 -22.63 3.58
N PHE B 378 8.21 -21.71 4.13
CA PHE B 378 8.23 -20.30 3.77
C PHE B 378 8.46 -19.36 4.93
N LEU B 379 9.54 -18.54 4.83
CA LEU B 379 9.90 -17.49 5.81
C LEU B 379 9.21 -16.23 5.29
N LYS B 380 8.09 -15.88 5.92
CA LYS B 380 7.22 -14.79 5.47
C LYS B 380 7.54 -13.38 5.99
N GLY B 381 8.53 -13.27 6.87
CA GLY B 381 8.93 -11.99 7.47
C GLY B 381 8.04 -11.56 8.62
N TYR B 382 8.30 -10.34 9.20
CA TYR B 382 7.51 -9.79 10.33
C TYR B 382 6.07 -9.49 9.95
N THR B 383 5.13 -9.69 10.89
CA THR B 383 3.71 -9.38 10.70
C THR B 383 3.18 -8.42 11.76
N THR B 384 2.44 -7.41 11.32
CA THR B 384 1.83 -6.40 12.19
C THR B 384 0.44 -6.87 12.62
N THR B 385 -0.09 -7.88 11.90
CA THR B 385 -1.41 -8.48 12.11
C THR B 385 -1.31 -10.02 12.27
N PRO B 386 -0.72 -10.54 13.40
CA PRO B 386 -0.63 -12.00 13.56
C PRO B 386 -2.00 -12.70 13.65
N GLN B 387 -3.03 -11.93 14.09
CA GLN B 387 -4.42 -12.38 14.22
C GLN B 387 -4.97 -12.76 12.85
N LYS B 388 -4.62 -11.98 11.79
CA LYS B 388 -5.06 -12.25 10.42
C LYS B 388 -4.31 -13.45 9.86
N CYS B 389 -2.98 -13.53 10.09
CA CYS B 389 -2.14 -14.64 9.64
C CYS B 389 -2.68 -15.97 10.17
N LEU B 390 -3.10 -15.98 11.45
CA LEU B 390 -3.64 -17.12 12.16
C LEU B 390 -4.86 -17.75 11.51
N GLU B 391 -5.73 -16.93 10.89
CA GLU B 391 -6.93 -17.38 10.17
C GLU B 391 -6.54 -18.43 9.13
N ASP B 392 -5.43 -18.18 8.43
CA ASP B 392 -4.85 -18.98 7.35
C ASP B 392 -4.09 -20.27 7.76
N PHE B 393 -4.04 -20.59 9.07
CA PHE B 393 -3.35 -21.80 9.55
C PHE B 393 -4.34 -22.92 9.96
N LYS B 394 -3.96 -24.19 9.76
CA LYS B 394 -4.78 -25.34 10.20
C LYS B 394 -4.44 -25.62 11.67
N LEU B 395 -3.15 -25.53 12.01
CA LEU B 395 -2.59 -25.68 13.35
C LEU B 395 -1.36 -24.81 13.51
N VAL B 396 -0.92 -24.66 14.76
CA VAL B 396 0.26 -23.89 15.14
C VAL B 396 1.22 -24.82 15.87
N VAL B 397 2.50 -24.54 15.71
CA VAL B 397 3.57 -25.35 16.27
C VAL B 397 4.55 -24.51 17.11
N SER B 398 5.21 -25.15 18.10
CA SER B 398 6.23 -24.53 18.94
C SER B 398 7.36 -25.54 19.26
N THR B 399 8.58 -25.22 18.79
CA THR B 399 9.78 -26.02 19.06
C THR B 399 10.62 -25.33 20.12
N SER B 400 10.11 -24.21 20.63
CA SER B 400 10.78 -23.41 21.63
C SER B 400 11.17 -24.22 22.87
N GLN B 401 12.40 -23.99 23.37
CA GLN B 401 13.00 -24.68 24.51
C GLN B 401 12.79 -23.94 25.82
N TYR B 402 12.72 -22.61 25.72
CA TYR B 402 12.59 -21.72 26.87
C TYR B 402 11.45 -20.75 26.62
N GLU B 403 10.61 -20.56 27.65
CA GLU B 403 9.43 -19.70 27.62
C GLU B 403 9.02 -19.30 29.02
N GLY B 404 8.33 -18.17 29.13
CA GLY B 404 7.78 -17.67 30.37
C GLY B 404 6.34 -18.10 30.45
N GLN B 405 5.60 -18.00 29.31
CA GLN B 405 4.21 -18.43 29.14
C GLN B 405 3.95 -18.97 27.73
N GLY B 406 4.32 -18.19 26.71
CA GLY B 406 4.20 -18.61 25.31
C GLY B 406 3.16 -17.91 24.48
N LEU B 407 2.78 -16.66 24.86
CA LEU B 407 1.76 -15.77 24.27
C LEU B 407 1.21 -16.14 22.91
N SER B 408 2.08 -16.33 21.91
CA SER B 408 1.74 -16.70 20.54
C SER B 408 0.90 -18.00 20.46
N MET B 409 1.24 -18.97 21.33
CA MET B 409 0.58 -20.26 21.50
C MET B 409 -0.83 -20.01 22.02
N ILE B 410 -0.94 -19.16 23.07
CA ILE B 410 -2.23 -18.76 23.61
C ILE B 410 -3.07 -18.03 22.53
N GLU B 411 -2.44 -17.11 21.78
CA GLU B 411 -3.07 -16.33 20.69
C GLU B 411 -3.68 -17.25 19.64
N ALA B 412 -2.93 -18.30 19.28
CA ALA B 412 -3.32 -19.30 18.29
C ALA B 412 -4.55 -20.04 18.74
N MET B 413 -4.60 -20.38 20.04
CA MET B 413 -5.71 -21.10 20.66
C MET B 413 -6.99 -20.27 20.68
N ILE B 414 -6.88 -18.95 20.94
CA ILE B 414 -8.02 -18.01 20.95
C ILE B 414 -8.65 -17.97 19.53
N SER B 415 -7.80 -18.02 18.50
CA SER B 415 -8.25 -18.00 17.13
C SER B 415 -8.62 -19.39 16.58
N LYS B 416 -8.89 -20.34 17.52
CA LYS B 416 -9.29 -21.73 17.26
C LYS B 416 -8.27 -22.56 16.46
N ARG B 417 -6.97 -22.31 16.67
CA ARG B 417 -5.85 -23.00 16.00
C ARG B 417 -5.08 -23.85 17.03
N PRO B 418 -5.26 -25.20 17.02
CA PRO B 418 -4.57 -26.05 18.03
C PRO B 418 -3.05 -25.95 18.02
N VAL B 419 -2.42 -26.16 19.18
CA VAL B 419 -0.98 -26.08 19.26
C VAL B 419 -0.36 -27.46 19.48
N VAL B 420 0.71 -27.76 18.69
CA VAL B 420 1.56 -28.94 18.83
C VAL B 420 2.87 -28.36 19.35
N ALA B 421 3.16 -28.56 20.66
CA ALA B 421 4.35 -27.98 21.26
C ALA B 421 5.15 -28.88 22.15
N PHE B 422 6.45 -28.60 22.24
CA PHE B 422 7.37 -29.28 23.15
C PHE B 422 6.97 -28.92 24.60
N ASP B 423 6.87 -29.93 25.47
CA ASP B 423 6.47 -29.73 26.86
C ASP B 423 7.65 -29.16 27.67
N ILE B 424 7.83 -27.83 27.60
CA ILE B 424 8.95 -27.12 28.25
C ILE B 424 8.61 -26.30 29.51
N LYS B 425 9.66 -25.79 30.19
CA LYS B 425 9.61 -24.84 31.32
C LYS B 425 9.69 -23.46 30.63
N TYR B 426 8.62 -22.64 30.62
CA TYR B 426 7.32 -22.83 31.27
C TYR B 426 6.18 -22.44 30.32
N GLY B 427 4.97 -22.96 30.54
CA GLY B 427 3.83 -22.55 29.71
C GLY B 427 2.99 -23.59 28.99
N PRO B 428 3.51 -24.27 27.92
CA PRO B 428 2.65 -25.26 27.20
C PRO B 428 1.75 -26.15 28.07
N SER B 429 2.28 -26.74 29.15
CA SER B 429 1.49 -27.61 30.04
C SER B 429 0.43 -26.85 30.86
N ASP B 430 0.60 -25.53 31.08
CA ASP B 430 -0.36 -24.72 31.83
C ASP B 430 -1.69 -24.64 31.05
N PHE B 431 -1.63 -24.53 29.70
CA PHE B 431 -2.80 -24.32 28.81
C PHE B 431 -3.18 -25.42 27.82
N ILE B 432 -2.21 -26.22 27.36
CA ILE B 432 -2.57 -27.30 26.43
C ILE B 432 -3.05 -28.51 27.24
N GLU B 433 -4.21 -29.10 26.84
CA GLU B 433 -4.76 -30.36 27.35
C GLU B 433 -4.49 -31.37 26.22
N ASP B 434 -3.41 -32.18 26.37
CA ASP B 434 -2.99 -33.20 25.39
C ASP B 434 -4.16 -34.10 24.95
N ASN B 435 -4.30 -34.29 23.63
CA ASN B 435 -5.36 -35.07 23.00
C ASN B 435 -6.79 -34.54 23.28
N LYS B 436 -6.93 -33.23 23.58
CA LYS B 436 -8.21 -32.56 23.80
C LYS B 436 -8.26 -31.21 23.06
N ASN B 437 -7.19 -30.38 23.23
CA ASN B 437 -7.07 -29.07 22.57
C ASN B 437 -5.71 -28.75 21.96
N GLY B 438 -4.94 -29.80 21.73
CA GLY B 438 -3.60 -29.75 21.16
C GLY B 438 -2.77 -30.93 21.63
N TYR B 439 -1.46 -30.89 21.38
CA TYR B 439 -0.56 -31.97 21.79
C TYR B 439 0.67 -31.47 22.53
N LEU B 440 0.99 -32.16 23.63
CA LEU B 440 2.18 -31.90 24.43
C LEU B 440 3.21 -32.91 24.00
N ILE B 441 4.32 -32.43 23.43
CA ILE B 441 5.36 -33.32 22.96
C ILE B 441 6.48 -33.38 23.96
N GLU B 442 7.12 -34.56 24.09
CA GLU B 442 8.29 -34.81 24.92
C GLU B 442 9.35 -33.92 24.28
N ASN B 443 9.98 -33.06 25.08
CA ASN B 443 10.96 -32.13 24.54
C ASN B 443 12.06 -32.79 23.69
N HIS B 444 12.31 -32.22 22.49
CA HIS B 444 13.30 -32.64 21.48
C HIS B 444 12.89 -33.83 20.62
N ASN B 445 11.76 -34.50 20.97
CA ASN B 445 11.26 -35.64 20.22
C ASN B 445 10.66 -35.17 18.89
N ILE B 446 11.57 -34.83 17.93
CA ILE B 446 11.27 -34.33 16.58
C ILE B 446 10.37 -35.28 15.80
N ASN B 447 10.51 -36.60 16.07
CA ASN B 447 9.73 -37.67 15.45
C ASN B 447 8.30 -37.77 15.99
N ASP B 448 8.11 -37.71 17.33
CA ASP B 448 6.77 -37.75 17.94
C ASP B 448 5.99 -36.46 17.56
N MET B 449 6.69 -35.30 17.50
CA MET B 449 6.09 -34.02 17.09
C MET B 449 5.64 -34.12 15.63
N ALA B 450 6.51 -34.66 14.74
CA ALA B 450 6.18 -34.85 13.32
C ALA B 450 4.91 -35.69 13.13
N ASP B 451 4.76 -36.78 13.94
CA ASP B 451 3.62 -37.72 13.96
C ASP B 451 2.31 -37.02 14.28
N LYS B 452 2.30 -36.24 15.39
CA LYS B 452 1.11 -35.53 15.85
C LYS B 452 0.71 -34.40 14.91
N ILE B 453 1.69 -33.82 14.17
CA ILE B 453 1.46 -32.78 13.18
C ILE B 453 0.74 -33.44 12.01
N LEU B 454 1.24 -34.60 11.56
CA LEU B 454 0.63 -35.36 10.46
C LEU B 454 -0.79 -35.82 10.80
N GLN B 455 -1.02 -36.30 12.05
CA GLN B 455 -2.34 -36.74 12.53
C GLN B 455 -3.35 -35.60 12.45
N LEU B 456 -3.00 -34.44 13.04
CA LEU B 456 -3.84 -33.26 13.12
C LEU B 456 -4.02 -32.51 11.79
N VAL B 457 -2.96 -32.44 10.96
CA VAL B 457 -2.99 -31.76 9.66
C VAL B 457 -3.82 -32.50 8.61
N ASN B 458 -3.95 -33.82 8.74
CA ASN B 458 -4.72 -34.67 7.81
C ASN B 458 -6.09 -35.09 8.37
N ASN B 459 -6.58 -34.38 9.39
CA ASN B 459 -7.87 -34.65 10.02
C ASN B 459 -8.57 -33.33 10.29
N ASP B 460 -9.40 -32.91 9.34
CA ASP B 460 -10.19 -31.68 9.38
C ASP B 460 -11.17 -31.67 10.58
N VAL B 461 -11.55 -32.86 11.07
CA VAL B 461 -12.46 -33.07 12.20
C VAL B 461 -11.75 -32.89 13.55
N LEU B 462 -10.51 -33.44 13.68
CA LEU B 462 -9.67 -33.29 14.87
C LEU B 462 -9.18 -31.84 15.02
N ALA B 463 -8.72 -31.23 13.91
CA ALA B 463 -8.21 -29.85 13.85
C ALA B 463 -9.23 -28.83 14.34
N ALA B 464 -10.50 -29.02 13.91
CA ALA B 464 -11.66 -28.19 14.25
C ALA B 464 -12.02 -28.33 15.73
N GLU B 465 -12.09 -29.58 16.23
CA GLU B 465 -12.46 -29.89 17.61
C GLU B 465 -11.39 -29.46 18.61
N PHE B 466 -10.11 -29.66 18.25
CA PHE B 466 -8.98 -29.25 19.10
C PHE B 466 -8.92 -27.73 19.15
N GLY B 467 -9.24 -27.08 18.03
CA GLY B 467 -9.29 -25.64 17.91
C GLY B 467 -10.36 -25.00 18.75
N SER B 468 -11.59 -25.53 18.67
CA SER B 468 -12.75 -25.06 19.43
C SER B 468 -12.57 -25.27 20.94
N LYS B 469 -11.91 -26.38 21.34
CA LYS B 469 -11.64 -26.68 22.75
C LYS B 469 -10.49 -25.85 23.29
N ALA B 470 -9.59 -25.40 22.39
CA ALA B 470 -8.44 -24.59 22.74
C ALA B 470 -8.90 -23.22 23.17
N ARG B 471 -9.89 -22.64 22.45
CA ARG B 471 -10.48 -21.33 22.67
C ARG B 471 -11.26 -21.31 24.00
N GLU B 472 -12.05 -22.35 24.26
CA GLU B 472 -12.89 -22.52 25.45
C GLU B 472 -12.04 -22.57 26.71
N ASN B 473 -10.86 -23.19 26.61
CA ASN B 473 -9.90 -23.35 27.68
C ASN B 473 -9.25 -22.01 28.03
N ILE B 474 -8.84 -21.23 27.02
CA ILE B 474 -8.23 -19.92 27.24
C ILE B 474 -9.23 -18.98 27.88
N ILE B 475 -10.51 -19.06 27.46
CA ILE B 475 -11.61 -18.26 28.03
C ILE B 475 -11.82 -18.60 29.51
N GLU B 476 -11.88 -19.89 29.81
CA GLU B 476 -12.07 -20.44 31.15
C GLU B 476 -10.92 -20.10 32.07
N LYS B 477 -9.69 -20.53 31.71
CA LYS B 477 -8.49 -20.38 32.52
C LYS B 477 -7.93 -18.99 32.64
N TYR B 478 -7.94 -18.20 31.55
CA TYR B 478 -7.33 -16.86 31.54
C TYR B 478 -8.28 -15.69 31.35
N SER B 479 -9.43 -15.71 32.07
CA SER B 479 -10.42 -14.65 32.01
C SER B 479 -9.83 -13.32 32.49
N THR B 480 -10.16 -12.21 31.79
CA THR B 480 -9.69 -10.86 32.11
C THR B 480 -10.02 -10.49 33.56
N GLU B 481 -11.26 -10.81 33.98
CA GLU B 481 -11.81 -10.61 35.32
C GLU B 481 -10.90 -11.22 36.40
N SER B 482 -10.46 -12.50 36.22
CA SER B 482 -9.56 -13.19 37.16
C SER B 482 -8.13 -12.59 37.21
N ILE B 483 -7.56 -12.24 36.05
CA ILE B 483 -6.21 -11.71 36.01
C ILE B 483 -6.11 -10.28 36.62
N LEU B 484 -7.15 -9.44 36.42
CA LEU B 484 -7.22 -8.08 36.96
C LEU B 484 -7.42 -8.13 38.48
N GLU B 485 -8.19 -9.13 38.94
CA GLU B 485 -8.47 -9.37 40.36
C GLU B 485 -7.15 -9.59 41.11
N LYS B 486 -6.26 -10.44 40.55
CA LYS B 486 -4.94 -10.77 41.10
C LYS B 486 -4.06 -9.53 41.27
N TRP B 487 -3.98 -8.68 40.23
CA TRP B 487 -3.23 -7.43 40.23
C TRP B 487 -3.79 -6.46 41.27
N LEU B 488 -5.11 -6.23 41.22
CA LEU B 488 -5.82 -5.31 42.11
C LEU B 488 -5.73 -5.74 43.60
N ASN B 489 -5.58 -7.07 43.86
CA ASN B 489 -5.39 -7.63 45.20
C ASN B 489 -4.03 -7.22 45.77
N LEU B 490 -3.03 -7.04 44.91
CA LEU B 490 -1.68 -6.63 45.26
C LEU B 490 -1.62 -5.13 45.45
N PHE B 491 -2.32 -4.35 44.61
CA PHE B 491 -2.32 -2.89 44.75
C PHE B 491 -3.08 -2.49 46.00
N ASN B 492 -4.15 -3.21 46.30
CA ASN B 492 -4.98 -2.93 47.47
C ASN B 492 -4.50 -3.60 48.79
N SER B 493 -3.32 -4.28 48.76
CA SER B 493 -2.70 -4.92 49.92
C SER B 493 -2.20 -3.86 50.93
N1 UDP C . -7.57 -5.09 -17.02
C2 UDP C . -6.31 -5.30 -16.47
N3 UDP C . -6.28 -5.47 -15.10
C4 UDP C . -7.36 -5.36 -14.23
C5 UDP C . -8.61 -5.06 -14.86
C6 UDP C . -8.68 -4.96 -16.20
O2 UDP C . -5.27 -5.24 -17.13
O4 UDP C . -7.18 -5.53 -13.02
C1' UDP C . -7.72 -5.08 -18.51
C2' UDP C . -7.94 -6.45 -19.16
O2' UDP C . -6.74 -7.17 -19.36
C3' UDP C . -8.54 -6.03 -20.50
C4' UDP C . -9.41 -4.84 -20.12
O4' UDP C . -8.90 -4.36 -18.84
O3' UDP C . -7.55 -5.57 -21.41
C5' UDP C . -10.90 -5.12 -20.04
O5' UDP C . -11.49 -5.35 -21.35
PA UDP C . -13.07 -5.48 -21.63
O1A UDP C . -13.57 -6.83 -21.24
O2A UDP C . -13.43 -5.21 -23.11
O3A UDP C . -13.79 -4.41 -20.75
PB UDP C . -13.75 -2.82 -20.57
O1B UDP C . -15.16 -2.43 -20.14
O2B UDP C . -12.71 -2.47 -19.51
O3B UDP C . -13.40 -2.15 -21.83
C1' UD1 D . 8.76 -13.62 25.51
C2' UD1 D . 8.80 -15.07 26.11
C3' UD1 D . 7.32 -15.62 26.30
C4' UD1 D . 6.43 -14.65 27.14
C5' UD1 D . 6.52 -13.20 26.60
C6' UD1 D . 5.86 -12.18 27.54
C7' UD1 D . 10.67 -16.75 25.59
C8' UD1 D . 11.06 -16.82 27.08
N2' UD1 D . 9.62 -15.96 25.24
O1' UD1 D . 8.19 -13.57 24.16
O3' UD1 D . 7.30 -16.92 26.91
O4' UD1 D . 5.06 -15.12 27.13
O5' UD1 D . 7.92 -12.77 26.40
O6' UD1 D . 4.88 -12.77 28.39
O7' UD1 D . 11.29 -17.44 24.77
N1 UD1 D . 4.97 -10.99 16.53
C2 UD1 D . 4.36 -10.29 15.54
N3 UD1 D . 4.79 -10.45 14.21
C4 UD1 D . 5.80 -11.37 13.88
C5 UD1 D . 6.46 -12.08 14.88
C6 UD1 D . 6.02 -11.90 16.21
O2 UD1 D . 3.46 -9.47 15.78
O4 UD1 D . 6.14 -11.50 12.71
C1B UD1 D . 4.53 -10.86 17.95
C2B UD1 D . 3.25 -11.70 18.20
O2' UD1 D . 2.09 -10.82 18.20
C3B UD1 D . 3.46 -12.29 19.58
C4B UD1 D . 4.85 -11.82 20.00
O4B UD1 D . 5.51 -11.45 18.81
O3B UD1 D . 2.47 -11.83 20.52
C5B UD1 D . 5.74 -12.99 20.41
O5B UD1 D . 5.35 -13.58 21.65
PA UD1 D . 6.16 -14.89 22.21
O1A UD1 D . 5.80 -14.93 23.67
O2A UD1 D . 5.83 -16.08 21.36
O3A UD1 D . 7.79 -14.58 21.81
PB UD1 D . 8.92 -13.76 22.69
O1B UD1 D . 10.14 -14.57 22.83
O2B UD1 D . 9.04 -12.42 22.09
#